data_1U2G
#
_entry.id   1U2G
#
_cell.length_a   72.356
_cell.length_b   73.766
_cell.length_c   205.026
_cell.angle_alpha   90.00
_cell.angle_beta   90.00
_cell.angle_gamma   90.00
#
_symmetry.space_group_name_H-M   'P 21 21 21'
#
loop_
_entity.id
_entity.type
_entity.pdbx_description
1 polymer 'NAD(P) transhydrogenase subunit alpha part 1'
2 polymer 'NAD(P) transhydrogenase subunit beta'
3 non-polymer ADENOSINE-5-DIPHOSPHORIBOSE
4 non-polymer GLYCEROL
5 non-polymer 'NADPH DIHYDRO-NICOTINAMIDE-ADENINE-DINUCLEOTIDE PHOSPHATE'
6 water water
#
loop_
_entity_poly.entity_id
_entity_poly.type
_entity_poly.pdbx_seq_one_letter_code
_entity_poly.pdbx_strand_id
1 'polypeptide(L)'
;MKIAIPKERRPGEDRVAISPEVVKKLVGLGFEVIVEQGAGVGASITDDALTAAGATIASTAAQALSQADVVWKVQRPMTA
EEGTDEVALIKEGAVLMCHLGALTNRPVVEALTKRKITAYAMELMPRISRAQSMDILSSQSNLAGYRAVIDGAYEFARAF
PMMMTAAGTVPPARVLVFGVGVAGLQAIATAKRLGAVVMATDVRAATKEQVESLGGKFITVDDEAMKTAETAGGYAKEMG
EEFRKKQAEAVLKELVKTDIAITTALIPGKPAPVLITEEMVTKMKPGSVIIDLAVEAGGNCPLSEPGKIVVKHGVKIVGH
TNVPSRVAADASPLFAKNLLNFLTPHVDKDTKTLVMKLEDETVSGTCVTRDGAIVHPALTGQGA
;
A,B
2 'polypeptide(L)'
;MNRSIFNVILGGFGSEGGVAAAGGAAGDRSVKAGSAEDAAFIMKNASKVIIVPGYGMAVAQAQHALREMADVLKKEGVEV
SYAIHPVAGRMPGHMNVLLAEANVPYDEVFELEEINSSFQTADVAFVIGANDVTNPAAKTDPSSPIYGMPILDVEKAGTV
LFIKRSMASGYAGVENELFFRNNTMMLFGDAKKMTEQIVQAMN
;
C
#
# COMPACT_ATOMS: atom_id res chain seq x y z
N MET A 1 26.89 38.28 -12.30
CA MET A 1 26.50 36.92 -12.80
C MET A 1 25.27 36.40 -12.07
N LYS A 2 24.12 36.47 -12.75
CA LYS A 2 22.83 36.08 -12.18
C LYS A 2 22.30 34.78 -12.78
N ILE A 3 21.78 33.91 -11.92
CA ILE A 3 21.09 32.71 -12.36
C ILE A 3 19.64 32.79 -11.89
N ALA A 4 18.70 32.49 -12.78
CA ALA A 4 17.28 32.61 -12.46
C ALA A 4 16.50 31.34 -12.75
N ILE A 5 15.45 31.12 -11.97
CA ILE A 5 14.59 29.95 -12.09
C ILE A 5 13.13 30.39 -12.02
N PRO A 6 12.40 30.30 -13.14
CA PRO A 6 10.99 30.65 -13.15
C PRO A 6 10.10 29.50 -12.69
N LYS A 7 8.83 29.79 -12.45
CA LYS A 7 7.85 28.76 -12.19
C LYS A 7 7.52 28.06 -13.51
N GLU A 8 7.25 26.75 -13.42
CA GLU A 8 6.83 25.98 -14.59
C GLU A 8 5.37 26.30 -14.91
N ARG A 9 5.10 26.64 -16.16
CA ARG A 9 3.77 27.10 -16.59
C ARG A 9 2.96 26.06 -17.35
N ARG A 10 3.62 25.01 -17.84
CA ARG A 10 2.95 23.98 -18.62
C ARG A 10 1.93 23.25 -17.74
N PRO A 11 0.74 22.95 -18.28
CA PRO A 11 -0.33 22.33 -17.49
C PRO A 11 0.14 21.07 -16.76
N GLY A 12 -0.11 21.03 -15.46
CA GLY A 12 0.20 19.86 -14.63
C GLY A 12 1.64 19.76 -14.14
N GLU A 13 2.50 20.71 -14.51
CA GLU A 13 3.90 20.67 -14.09
C GLU A 13 4.07 21.34 -12.72
N ASP A 14 4.37 20.52 -11.71
CA ASP A 14 4.53 20.99 -10.33
C ASP A 14 5.98 20.99 -9.85
N ARG A 15 6.91 20.55 -10.69
CA ARG A 15 8.32 20.55 -10.33
C ARG A 15 8.93 21.93 -10.49
N VAL A 16 10.13 22.10 -9.95
CA VAL A 16 10.87 23.35 -10.05
C VAL A 16 12.37 23.02 -10.08
N ALA A 17 13.13 23.80 -10.84
CA ALA A 17 14.56 23.54 -11.03
C ALA A 17 15.43 24.21 -9.96
N ILE A 18 15.03 24.09 -8.70
CA ILE A 18 15.78 24.68 -7.59
C ILE A 18 15.40 24.07 -6.25
N SER A 19 16.33 24.19 -5.29
CA SER A 19 16.07 23.85 -3.89
C SER A 19 16.92 24.75 -3.00
N PRO A 20 16.52 24.91 -1.72
CA PRO A 20 17.34 25.68 -0.76
C PRO A 20 18.82 25.25 -0.73
N GLU A 21 19.05 23.94 -0.72
CA GLU A 21 20.41 23.40 -0.71
C GLU A 21 21.21 23.85 -1.93
N VAL A 22 20.60 23.73 -3.11
CA VAL A 22 21.28 24.08 -4.36
C VAL A 22 21.54 25.59 -4.47
N VAL A 23 20.64 26.40 -3.91
CA VAL A 23 20.84 27.85 -3.87
C VAL A 23 22.14 28.19 -3.13
N LYS A 24 22.31 27.60 -1.95
CA LYS A 24 23.51 27.81 -1.12
C LYS A 24 24.80 27.54 -1.91
N LYS A 25 24.81 26.42 -2.63
CA LYS A 25 25.96 26.03 -3.45
C LYS A 25 26.22 27.02 -4.58
N LEU A 26 25.14 27.51 -5.21
CA LEU A 26 25.26 28.48 -6.30
C LEU A 26 25.79 29.82 -5.82
N VAL A 27 25.35 30.26 -4.65
CA VAL A 27 25.86 31.49 -4.03
C VAL A 27 27.36 31.37 -3.76
N GLY A 28 27.78 30.20 -3.28
CA GLY A 28 29.20 29.93 -3.02
C GLY A 28 30.06 29.93 -4.28
N LEU A 29 29.46 29.58 -5.41
CA LEU A 29 30.13 29.64 -6.71
C LEU A 29 30.21 31.07 -7.26
N GLY A 30 29.39 31.97 -6.71
CA GLY A 30 29.41 33.39 -7.08
C GLY A 30 28.22 33.86 -7.89
N PHE A 31 27.06 33.26 -7.65
CA PHE A 31 25.81 33.60 -8.35
C PHE A 31 24.87 34.40 -7.45
N GLU A 32 24.18 35.37 -8.05
CA GLU A 32 22.97 35.94 -7.46
C GLU A 32 21.82 35.07 -7.94
N VAL A 33 21.18 34.35 -7.01
CA VAL A 33 20.12 33.41 -7.37
C VAL A 33 18.76 34.07 -7.23
N ILE A 34 18.02 34.14 -8.34
CA ILE A 34 16.72 34.78 -8.39
C ILE A 34 15.66 33.74 -8.75
N VAL A 35 14.72 33.50 -7.84
CA VAL A 35 13.65 32.56 -8.09
C VAL A 35 12.35 33.35 -8.24
N GLU A 36 11.49 32.92 -9.15
CA GLU A 36 10.19 33.53 -9.31
C GLU A 36 9.30 33.18 -8.11
N GLN A 37 8.57 34.18 -7.63
CA GLN A 37 7.62 34.03 -6.54
C GLN A 37 6.66 32.85 -6.79
N GLY A 38 6.52 32.00 -5.77
CA GLY A 38 5.59 30.88 -5.82
C GLY A 38 5.97 29.73 -6.73
N ALA A 39 7.22 29.71 -7.19
CA ALA A 39 7.68 28.69 -8.16
C ALA A 39 7.81 27.30 -7.53
N GLY A 40 8.04 27.25 -6.22
CA GLY A 40 8.22 25.98 -5.51
C GLY A 40 6.99 25.44 -4.78
N VAL A 41 5.83 26.04 -5.02
CA VAL A 41 4.59 25.65 -4.32
C VAL A 41 4.26 24.17 -4.52
N GLY A 42 4.33 23.72 -5.78
CA GLY A 42 4.03 22.32 -6.12
C GLY A 42 5.03 21.32 -5.56
N ALA A 43 6.26 21.79 -5.34
CA ALA A 43 7.33 20.97 -4.77
C ALA A 43 7.51 21.20 -3.27
N SER A 44 6.58 21.95 -2.67
CA SER A 44 6.61 22.26 -1.23
C SER A 44 7.89 23.00 -0.81
N ILE A 45 8.40 23.83 -1.73
CA ILE A 45 9.57 24.68 -1.46
C ILE A 45 9.08 26.12 -1.39
N THR A 46 9.16 26.71 -0.19
CA THR A 46 8.58 28.03 0.06
C THR A 46 9.53 29.13 -0.38
N ASP A 47 8.98 30.32 -0.60
CA ASP A 47 9.79 31.51 -0.89
C ASP A 47 10.75 31.80 0.26
N ASP A 48 10.25 31.70 1.49
CA ASP A 48 11.05 31.97 2.70
C ASP A 48 12.30 31.10 2.81
N ALA A 49 12.15 29.81 2.49
CA ALA A 49 13.27 28.86 2.54
C ALA A 49 14.30 29.13 1.45
N LEU A 50 13.83 29.50 0.26
CA LEU A 50 14.71 29.94 -0.82
C LEU A 50 15.48 31.19 -0.41
N THR A 51 14.78 32.15 0.19
CA THR A 51 15.38 33.39 0.68
C THR A 51 16.44 33.14 1.75
N ALA A 52 16.13 32.28 2.70
CA ALA A 52 17.05 31.93 3.79
C ALA A 52 18.33 31.29 3.26
N ALA A 53 18.20 30.54 2.15
CA ALA A 53 19.34 29.90 1.51
C ALA A 53 20.21 30.88 0.71
N GLY A 54 19.72 32.11 0.51
CA GLY A 54 20.48 33.18 -0.13
C GLY A 54 19.95 33.62 -1.49
N ALA A 55 18.67 33.39 -1.76
CA ALA A 55 18.05 33.79 -3.02
C ALA A 55 17.24 35.07 -2.87
N THR A 56 17.03 35.76 -4.00
CA THR A 56 16.10 36.88 -4.07
C THR A 56 14.83 36.39 -4.76
N ILE A 57 13.69 36.92 -4.32
CA ILE A 57 12.39 36.54 -4.90
C ILE A 57 11.93 37.64 -5.86
N ALA A 58 11.57 37.24 -7.08
CA ALA A 58 11.05 38.18 -8.09
C ALA A 58 9.55 37.98 -8.27
N SER A 59 8.83 39.07 -8.49
CA SER A 59 7.36 39.06 -8.51
C SER A 59 6.76 38.36 -9.72
N THR A 60 7.44 38.42 -10.86
CA THR A 60 6.96 37.79 -12.11
C THR A 60 8.06 37.01 -12.81
N ALA A 61 7.66 36.25 -13.83
CA ALA A 61 8.59 35.45 -14.62
C ALA A 61 9.53 36.32 -15.46
N ALA A 62 8.98 37.36 -16.08
CA ALA A 62 9.77 38.29 -16.88
C ALA A 62 10.82 39.00 -16.02
N GLN A 63 10.40 39.40 -14.82
CA GLN A 63 11.27 40.12 -13.89
C GLN A 63 12.41 39.25 -13.35
N ALA A 64 12.15 37.95 -13.20
CA ALA A 64 13.18 36.99 -12.77
C ALA A 64 14.22 36.72 -13.85
N LEU A 65 13.79 36.71 -15.11
CA LEU A 65 14.65 36.34 -16.25
C LEU A 65 15.35 37.53 -16.93
N SER A 66 14.94 38.75 -16.58
CA SER A 66 15.38 39.97 -17.28
C SER A 66 16.90 40.18 -17.31
N GLN A 67 17.55 40.03 -16.16
CA GLN A 67 18.99 40.26 -16.04
C GLN A 67 19.78 38.96 -15.86
N ALA A 68 19.09 37.83 -16.00
CA ALA A 68 19.70 36.51 -15.79
C ALA A 68 20.54 36.08 -16.98
N ASP A 69 21.85 35.87 -16.75
CA ASP A 69 22.76 35.41 -17.80
C ASP A 69 22.90 33.88 -17.82
N VAL A 70 22.19 33.20 -16.93
CA VAL A 70 21.96 31.76 -17.03
C VAL A 70 20.57 31.45 -16.45
N VAL A 71 19.85 30.54 -17.11
CA VAL A 71 18.50 30.17 -16.69
C VAL A 71 18.37 28.67 -16.51
N TRP A 72 17.73 28.26 -15.40
CA TRP A 72 17.42 26.86 -15.13
C TRP A 72 15.92 26.64 -15.16
N LYS A 73 15.50 25.64 -15.94
CA LYS A 73 14.09 25.25 -16.04
C LYS A 73 13.96 23.74 -15.99
N VAL A 74 12.76 23.25 -15.70
CA VAL A 74 12.47 21.83 -15.80
C VAL A 74 12.15 21.52 -17.26
N GLN A 75 10.92 21.83 -17.70
CA GLN A 75 10.51 21.57 -19.08
C GLN A 75 10.88 22.74 -19.99
N ARG A 76 10.86 22.50 -21.29
CA ARG A 76 11.29 23.50 -22.26
C ARG A 76 10.40 24.75 -22.20
N PRO A 77 10.97 25.92 -22.57
CA PRO A 77 10.17 27.15 -22.65
C PRO A 77 9.04 27.04 -23.68
N MET A 78 7.86 27.52 -23.31
CA MET A 78 6.74 27.63 -24.25
C MET A 78 7.01 28.74 -25.25
N THR A 79 6.61 28.53 -26.50
CA THR A 79 6.80 29.51 -27.55
C THR A 79 5.52 30.32 -27.74
N ALA A 80 5.60 31.39 -28.52
CA ALA A 80 4.43 32.22 -28.84
C ALA A 80 3.34 31.37 -29.47
N GLU A 81 3.75 30.41 -30.30
CA GLU A 81 2.85 29.47 -30.96
C GLU A 81 2.06 28.62 -29.96
N GLU A 82 2.68 28.28 -28.83
CA GLU A 82 2.06 27.43 -27.81
C GLU A 82 1.13 28.17 -26.84
N GLY A 83 1.16 29.51 -26.87
CA GLY A 83 0.28 30.31 -26.01
C GLY A 83 0.98 31.48 -25.34
N THR A 84 2.14 31.23 -24.75
CA THR A 84 2.92 32.29 -24.08
C THR A 84 4.40 32.15 -24.40
N ASP A 85 4.99 33.24 -24.92
CA ASP A 85 6.36 33.22 -25.40
C ASP A 85 7.33 33.47 -24.24
N GLU A 86 7.78 32.37 -23.62
CA GLU A 86 8.76 32.42 -22.53
C GLU A 86 10.17 32.64 -23.05
N VAL A 87 10.43 32.17 -24.28
CA VAL A 87 11.72 32.38 -24.93
C VAL A 87 12.04 33.87 -25.02
N ALA A 88 11.00 34.67 -25.27
CA ALA A 88 11.12 36.13 -25.37
C ALA A 88 11.49 36.80 -24.04
N LEU A 89 11.13 36.17 -22.92
CA LEU A 89 11.45 36.69 -21.59
C LEU A 89 12.93 36.52 -21.25
N ILE A 90 13.54 35.47 -21.81
CA ILE A 90 14.95 35.17 -21.57
C ILE A 90 15.81 36.24 -22.26
N LYS A 91 16.79 36.77 -21.52
CA LYS A 91 17.69 37.78 -22.06
C LYS A 91 18.53 37.21 -23.19
N GLU A 92 18.82 38.05 -24.18
CA GLU A 92 19.66 37.66 -25.32
C GLU A 92 21.07 37.31 -24.84
N GLY A 93 21.63 36.22 -25.37
CA GLY A 93 22.98 35.79 -25.03
C GLY A 93 23.09 34.84 -23.85
N ALA A 94 22.04 34.77 -23.02
CA ALA A 94 22.04 33.94 -21.81
C ALA A 94 22.16 32.44 -22.14
N VAL A 95 22.47 31.63 -21.13
CA VAL A 95 22.54 30.18 -21.31
C VAL A 95 21.34 29.52 -20.62
N LEU A 96 20.69 28.60 -21.32
CA LEU A 96 19.50 27.91 -20.81
C LEU A 96 19.84 26.44 -20.59
N MET A 97 19.56 25.94 -19.39
CA MET A 97 19.74 24.52 -19.07
C MET A 97 18.41 23.94 -18.62
N CYS A 98 17.90 22.98 -19.38
CA CYS A 98 16.64 22.33 -19.03
C CYS A 98 16.41 21.03 -19.80
N HIS A 99 15.36 20.33 -19.40
CA HIS A 99 14.83 19.18 -20.13
C HIS A 99 14.12 19.75 -21.36
N LEU A 100 14.87 19.83 -22.45
CA LEU A 100 14.49 20.64 -23.60
C LEU A 100 13.70 19.87 -24.66
N GLY A 101 13.89 18.55 -24.71
CA GLY A 101 13.29 17.72 -25.76
C GLY A 101 13.65 18.18 -27.15
N ALA A 102 14.93 18.53 -27.33
CA ALA A 102 15.41 19.20 -28.53
C ALA A 102 15.16 18.42 -29.82
N LEU A 103 15.33 17.10 -29.76
CA LEU A 103 15.24 16.25 -30.96
C LEU A 103 13.84 16.21 -31.57
N THR A 104 12.81 16.32 -30.73
CA THR A 104 11.42 16.28 -31.19
C THR A 104 10.71 17.64 -31.10
N ASN A 105 11.45 18.70 -30.79
CA ASN A 105 10.90 20.06 -30.71
C ASN A 105 11.87 21.06 -31.35
N ARG A 106 11.92 21.06 -32.67
CA ARG A 106 12.78 21.97 -33.42
C ARG A 106 12.33 23.45 -33.34
N PRO A 107 11.01 23.70 -33.27
CA PRO A 107 10.53 25.09 -33.13
C PRO A 107 11.13 25.86 -31.95
N VAL A 108 11.22 25.24 -30.78
CA VAL A 108 11.79 25.90 -29.60
C VAL A 108 13.31 26.14 -29.75
N VAL A 109 13.98 25.27 -30.52
CA VAL A 109 15.42 25.37 -30.74
C VAL A 109 15.77 26.59 -31.59
N GLU A 110 15.01 26.82 -32.65
CA GLU A 110 15.24 27.98 -33.53
C GLU A 110 14.88 29.30 -32.87
N ALA A 111 13.80 29.31 -32.08
CA ALA A 111 13.39 30.50 -31.33
C ALA A 111 14.47 30.96 -30.36
N LEU A 112 15.07 29.99 -29.66
CA LEU A 112 16.22 30.25 -28.79
C LEU A 112 17.43 30.71 -29.60
N THR A 113 17.63 30.10 -30.77
CA THR A 113 18.72 30.46 -31.67
C THR A 113 18.56 31.91 -32.18
N LYS A 114 17.32 32.32 -32.44
CA LYS A 114 17.05 33.68 -32.91
C LYS A 114 17.40 34.76 -31.88
N ARG A 115 17.38 34.40 -30.59
CA ARG A 115 17.75 35.33 -29.52
C ARG A 115 19.18 35.09 -28.99
N LYS A 116 19.99 34.36 -29.77
CA LYS A 116 21.40 34.12 -29.44
C LYS A 116 21.61 33.37 -28.11
N ILE A 117 20.59 32.59 -27.71
CA ILE A 117 20.60 31.89 -26.44
C ILE A 117 21.30 30.54 -26.59
N THR A 118 22.29 30.29 -25.74
CA THR A 118 22.99 29.00 -25.72
C THR A 118 22.20 28.00 -24.88
N ALA A 119 21.59 27.01 -25.56
CA ALA A 119 20.68 26.06 -24.90
C ALA A 119 21.32 24.68 -24.69
N TYR A 120 21.20 24.16 -23.47
CA TYR A 120 21.76 22.86 -23.10
C TYR A 120 20.63 21.88 -22.76
N ALA A 121 20.52 20.83 -23.58
CA ALA A 121 19.45 19.83 -23.45
C ALA A 121 19.90 18.67 -22.57
N MET A 122 19.35 18.62 -21.35
CA MET A 122 19.84 17.69 -20.32
C MET A 122 19.54 16.23 -20.62
N GLU A 123 18.49 15.96 -21.40
CA GLU A 123 18.14 14.59 -21.80
C GLU A 123 19.18 13.96 -22.74
N LEU A 124 20.00 14.80 -23.38
CA LEU A 124 21.06 14.33 -24.28
C LEU A 124 22.40 14.09 -23.56
N MET A 125 22.35 13.98 -22.23
CA MET A 125 23.56 13.69 -21.44
C MET A 125 24.13 12.35 -21.90
N PRO A 126 25.44 12.31 -22.21
CA PRO A 126 26.02 11.07 -22.72
C PRO A 126 26.03 9.95 -21.67
N ARG A 127 25.97 8.72 -22.12
CA ARG A 127 25.87 7.56 -21.23
C ARG A 127 27.25 7.14 -20.74
N ILE A 128 27.79 7.92 -19.81
CA ILE A 128 29.07 7.63 -19.17
C ILE A 128 28.88 7.66 -17.64
N SER A 129 29.72 6.92 -16.93
CA SER A 129 29.58 6.74 -15.49
C SER A 129 29.65 8.05 -14.70
N ARG A 130 30.58 8.91 -15.08
CA ARG A 130 30.79 10.19 -14.38
C ARG A 130 29.65 11.20 -14.57
N ALA A 131 28.78 10.96 -15.56
CA ALA A 131 27.63 11.82 -15.81
C ALA A 131 26.33 11.30 -15.20
N GLN A 132 26.40 10.21 -14.42
CA GLN A 132 25.22 9.69 -13.71
C GLN A 132 24.63 10.71 -12.75
N SER A 133 25.51 11.48 -12.10
CA SER A 133 25.11 12.54 -11.17
C SER A 133 24.40 13.70 -11.87
N MET A 134 24.59 13.82 -13.18
CA MET A 134 24.00 14.89 -13.99
C MET A 134 22.79 14.41 -14.79
N ASP A 135 22.49 13.11 -14.72
CA ASP A 135 21.48 12.49 -15.58
C ASP A 135 20.06 12.72 -15.06
N ILE A 136 19.30 13.57 -15.76
CA ILE A 136 17.92 13.85 -15.38
C ILE A 136 16.96 12.71 -15.73
N LEU A 137 17.30 11.88 -16.71
CA LEU A 137 16.44 10.78 -17.11
C LEU A 137 16.32 9.72 -16.00
N SER A 138 17.46 9.37 -15.39
CA SER A 138 17.49 8.34 -14.35
C SER A 138 16.91 8.84 -13.02
N SER A 139 17.20 10.09 -12.66
CA SER A 139 16.69 10.66 -11.40
C SER A 139 15.17 10.74 -11.40
N GLN A 140 14.59 11.12 -12.53
CA GLN A 140 13.14 11.30 -12.63
C GLN A 140 12.42 9.98 -12.82
N SER A 141 12.95 9.10 -13.66
CA SER A 141 12.34 7.79 -13.92
C SER A 141 12.40 6.85 -12.72
N ASN A 142 13.45 6.97 -11.90
CA ASN A 142 13.54 6.24 -10.64
C ASN A 142 12.33 6.52 -9.76
N LEU A 143 11.97 7.79 -9.63
CA LEU A 143 10.80 8.20 -8.84
C LEU A 143 9.48 7.82 -9.52
N ALA A 144 9.47 7.78 -10.85
CA ALA A 144 8.30 7.33 -11.61
C ALA A 144 8.03 5.85 -11.40
N GLY A 145 9.09 5.07 -11.16
CA GLY A 145 8.96 3.66 -10.81
C GLY A 145 8.26 3.46 -9.48
N TYR A 146 8.70 4.22 -8.49
CA TYR A 146 8.04 4.22 -7.18
C TYR A 146 6.57 4.60 -7.37
N ARG A 147 6.34 5.72 -8.04
CA ARG A 147 5.01 6.29 -8.19
C ARG A 147 4.03 5.37 -8.92
N ALA A 148 4.54 4.57 -9.86
CA ALA A 148 3.73 3.58 -10.58
C ALA A 148 3.07 2.58 -9.62
N VAL A 149 3.83 2.13 -8.62
CA VAL A 149 3.32 1.19 -7.63
C VAL A 149 2.28 1.85 -6.74
N ILE A 150 2.52 3.10 -6.34
CA ILE A 150 1.56 3.87 -5.53
C ILE A 150 0.28 4.13 -6.32
N ASP A 151 0.41 4.47 -7.60
CA ASP A 151 -0.73 4.64 -8.48
C ASP A 151 -1.48 3.33 -8.71
N GLY A 152 -0.74 2.22 -8.85
CA GLY A 152 -1.36 0.91 -8.98
C GLY A 152 -2.15 0.51 -7.75
N ALA A 153 -1.54 0.64 -6.58
CA ALA A 153 -2.19 0.34 -5.31
C ALA A 153 -3.45 1.17 -5.06
N TYR A 154 -3.39 2.43 -5.47
CA TYR A 154 -4.51 3.36 -5.30
C TYR A 154 -5.71 2.98 -6.19
N GLU A 155 -5.44 2.54 -7.41
CA GLU A 155 -6.50 2.14 -8.33
C GLU A 155 -7.00 0.72 -8.08
N PHE A 156 -6.21 -0.07 -7.34
CA PHE A 156 -6.51 -1.47 -7.06
C PHE A 156 -7.46 -1.58 -5.87
N ALA A 157 -8.50 -2.40 -5.99
CA ALA A 157 -9.50 -2.58 -4.94
C ALA A 157 -9.15 -3.70 -3.93
N ARG A 158 -7.91 -4.18 -3.98
CA ARG A 158 -7.42 -5.14 -3.03
C ARG A 158 -6.17 -4.60 -2.36
N ALA A 159 -5.71 -5.30 -1.32
CA ALA A 159 -4.49 -4.94 -0.61
C ALA A 159 -3.31 -5.65 -1.24
N PHE A 160 -2.12 -5.05 -1.10
CA PHE A 160 -0.88 -5.64 -1.60
C PHE A 160 -0.35 -6.82 -0.77
N PRO A 161 -0.24 -6.66 0.57
CA PRO A 161 0.38 -7.71 1.38
C PRO A 161 -0.50 -8.89 1.75
N MET A 162 0.14 -10.05 1.97
CA MET A 162 -0.52 -11.20 2.58
C MET A 162 -0.80 -10.88 4.04
N MET A 163 -2.02 -11.19 4.47
CA MET A 163 -2.39 -11.06 5.88
C MET A 163 -3.23 -12.28 6.28
N MET A 164 -2.73 -13.07 7.23
CA MET A 164 -3.53 -14.11 7.86
C MET A 164 -4.39 -13.43 8.91
N THR A 165 -5.70 -13.67 8.85
CA THR A 165 -6.65 -13.00 9.74
C THR A 165 -7.70 -13.99 10.24
N ALA A 166 -8.44 -13.59 11.27
CA ALA A 166 -9.56 -14.38 11.78
C ALA A 166 -10.66 -14.59 10.74
N ALA A 167 -10.85 -13.59 9.88
CA ALA A 167 -11.82 -13.68 8.78
C ALA A 167 -11.27 -14.45 7.56
N GLY A 168 -10.03 -14.91 7.63
CA GLY A 168 -9.42 -15.64 6.53
C GLY A 168 -8.17 -14.94 6.02
N THR A 169 -7.50 -15.58 5.07
CA THR A 169 -6.24 -15.08 4.54
C THR A 169 -6.50 -14.19 3.33
N VAL A 170 -5.99 -12.96 3.36
CA VAL A 170 -6.00 -12.12 2.16
C VAL A 170 -4.67 -12.43 1.46
N PRO A 171 -4.74 -12.87 0.18
CA PRO A 171 -3.53 -13.28 -0.49
C PRO A 171 -2.70 -12.07 -0.93
N PRO A 172 -1.40 -12.27 -1.16
CA PRO A 172 -0.60 -11.16 -1.65
C PRO A 172 -1.01 -10.79 -3.08
N ALA A 173 -0.82 -9.53 -3.45
CA ALA A 173 -0.99 -9.12 -4.84
C ALA A 173 0.16 -9.65 -5.68
N ARG A 174 -0.12 -9.93 -6.95
CA ARG A 174 0.92 -10.35 -7.89
C ARG A 174 1.20 -9.21 -8.86
N VAL A 175 2.46 -8.78 -8.90
CA VAL A 175 2.88 -7.65 -9.73
C VAL A 175 3.82 -8.15 -10.82
N LEU A 176 3.67 -7.63 -12.04
CA LEU A 176 4.54 -7.98 -13.16
C LEU A 176 5.09 -6.69 -13.77
N VAL A 177 6.40 -6.48 -13.69
CA VAL A 177 6.99 -5.27 -14.28
C VAL A 177 7.68 -5.65 -15.61
N PHE A 178 7.17 -5.07 -16.70
CA PHE A 178 7.73 -5.25 -18.03
C PHE A 178 8.77 -4.17 -18.27
N GLY A 179 10.02 -4.58 -18.48
CA GLY A 179 11.13 -3.63 -18.60
C GLY A 179 11.71 -3.31 -17.23
N VAL A 180 12.95 -3.73 -17.02
CA VAL A 180 13.63 -3.54 -15.74
C VAL A 180 14.84 -2.63 -15.93
N GLY A 181 14.57 -1.40 -16.35
CA GLY A 181 15.56 -0.33 -16.34
C GLY A 181 15.48 0.38 -15.00
N VAL A 182 15.68 1.70 -15.00
CA VAL A 182 15.73 2.48 -13.78
C VAL A 182 14.36 2.51 -13.09
N ALA A 183 13.32 2.81 -13.85
CA ALA A 183 11.96 2.86 -13.31
C ALA A 183 11.48 1.48 -12.85
N GLY A 184 11.80 0.45 -13.62
CA GLY A 184 11.37 -0.91 -13.32
C GLY A 184 11.98 -1.52 -12.07
N LEU A 185 13.26 -1.21 -11.81
CA LEU A 185 13.92 -1.68 -10.60
C LEU A 185 13.28 -1.09 -9.34
N GLN A 186 12.91 0.19 -9.41
CA GLN A 186 12.26 0.87 -8.29
C GLN A 186 10.82 0.39 -8.10
N ALA A 187 10.17 0.01 -9.19
CA ALA A 187 8.82 -0.56 -9.12
C ALA A 187 8.87 -1.90 -8.40
N ILE A 188 9.83 -2.74 -8.78
CA ILE A 188 10.03 -4.04 -8.12
C ILE A 188 10.27 -3.85 -6.62
N ALA A 189 11.18 -2.94 -6.27
CA ALA A 189 11.54 -2.69 -4.87
C ALA A 189 10.36 -2.19 -4.04
N THR A 190 9.54 -1.33 -4.65
CA THR A 190 8.43 -0.72 -3.96
C THR A 190 7.26 -1.70 -3.81
N ALA A 191 7.02 -2.52 -4.84
CA ALA A 191 6.02 -3.58 -4.77
C ALA A 191 6.38 -4.64 -3.72
N LYS A 192 7.65 -5.06 -3.73
CA LYS A 192 8.19 -5.95 -2.71
C LYS A 192 8.01 -5.39 -1.31
N ARG A 193 8.34 -4.12 -1.12
CA ARG A 193 8.11 -3.43 0.16
C ARG A 193 6.68 -3.63 0.66
N LEU A 194 5.71 -3.48 -0.25
CA LEU A 194 4.28 -3.57 0.11
C LEU A 194 3.77 -5.01 0.27
N GLY A 195 4.64 -5.99 0.06
CA GLY A 195 4.29 -7.40 0.29
C GLY A 195 3.86 -8.17 -0.94
N ALA A 196 3.97 -7.56 -2.11
CA ALA A 196 3.57 -8.21 -3.36
C ALA A 196 4.56 -9.30 -3.76
N VAL A 197 4.04 -10.33 -4.45
CA VAL A 197 4.89 -11.27 -5.16
C VAL A 197 5.17 -10.58 -6.51
N VAL A 198 6.45 -10.42 -6.85
CA VAL A 198 6.83 -9.64 -8.02
C VAL A 198 7.50 -10.50 -9.10
N MET A 199 6.90 -10.47 -10.29
CA MET A 199 7.48 -11.04 -11.49
C MET A 199 8.00 -9.89 -12.34
N ALA A 200 8.95 -10.19 -13.23
CA ALA A 200 9.47 -9.18 -14.13
C ALA A 200 10.13 -9.84 -15.35
N THR A 201 10.25 -9.06 -16.42
CA THR A 201 10.91 -9.52 -17.63
C THR A 201 11.59 -8.35 -18.35
N ASP A 202 12.54 -8.68 -19.21
CA ASP A 202 13.31 -7.72 -19.98
C ASP A 202 14.10 -8.47 -21.05
N VAL A 203 14.48 -7.78 -22.11
CA VAL A 203 15.27 -8.39 -23.19
C VAL A 203 16.76 -8.47 -22.86
N ARG A 204 17.22 -7.58 -21.98
CA ARG A 204 18.63 -7.54 -21.59
C ARG A 204 18.91 -8.61 -20.54
N ALA A 205 19.94 -9.42 -20.77
CA ALA A 205 20.27 -10.56 -19.92
C ALA A 205 20.79 -10.16 -18.54
N ALA A 206 21.54 -9.07 -18.49
CA ALA A 206 22.12 -8.56 -17.23
C ALA A 206 21.06 -8.26 -16.16
N THR A 207 19.82 -8.09 -16.60
CA THR A 207 18.73 -7.66 -15.73
C THR A 207 18.18 -8.79 -14.84
N LYS A 208 18.34 -10.04 -15.28
CA LYS A 208 17.86 -11.20 -14.53
C LYS A 208 18.42 -11.23 -13.10
N GLU A 209 19.72 -10.98 -12.98
CA GLU A 209 20.40 -10.99 -11.68
C GLU A 209 19.93 -9.83 -10.79
N GLN A 210 19.66 -8.68 -11.40
CA GLN A 210 19.17 -7.49 -10.67
C GLN A 210 17.79 -7.74 -10.06
N VAL A 211 16.91 -8.35 -10.86
CA VAL A 211 15.56 -8.71 -10.42
C VAL A 211 15.62 -9.68 -9.24
N GLU A 212 16.49 -10.68 -9.35
CA GLU A 212 16.60 -11.74 -8.34
C GLU A 212 17.18 -11.23 -7.01
N SER A 213 18.09 -10.26 -7.09
CA SER A 213 18.67 -9.65 -5.89
C SER A 213 17.67 -8.76 -5.14
N LEU A 214 16.62 -8.31 -5.82
CA LEU A 214 15.54 -7.54 -5.20
C LEU A 214 14.42 -8.43 -4.66
N GLY A 215 14.56 -9.75 -4.82
CA GLY A 215 13.55 -10.70 -4.35
C GLY A 215 12.44 -10.96 -5.35
N GLY A 216 12.68 -10.66 -6.62
CA GLY A 216 11.72 -10.91 -7.70
C GLY A 216 12.08 -12.16 -8.47
N LYS A 217 11.13 -12.66 -9.26
CA LYS A 217 11.37 -13.83 -10.11
C LYS A 217 11.34 -13.42 -11.58
N PHE A 218 12.39 -13.78 -12.31
CA PHE A 218 12.55 -13.38 -13.69
C PHE A 218 11.84 -14.34 -14.63
N ILE A 219 11.19 -13.78 -15.65
CA ILE A 219 10.54 -14.55 -16.70
C ILE A 219 11.47 -14.65 -17.91
N THR A 220 12.11 -15.81 -18.07
CA THR A 220 13.00 -16.04 -19.20
C THR A 220 12.16 -16.37 -20.43
N VAL A 221 12.59 -15.89 -21.59
CA VAL A 221 11.85 -16.08 -22.85
C VAL A 221 12.76 -16.72 -23.91
N ASP A 222 13.88 -16.05 -24.21
CA ASP A 222 14.79 -16.52 -25.25
C ASP A 222 16.25 -16.31 -24.78
N ASP A 223 16.82 -17.36 -24.19
CA ASP A 223 18.17 -17.27 -23.62
C ASP A 223 19.23 -16.82 -24.63
N GLU A 224 19.15 -17.34 -25.86
CA GLU A 224 20.10 -16.98 -26.90
C GLU A 224 19.89 -15.56 -27.42
N ALA A 225 18.63 -15.19 -27.69
CA ALA A 225 18.30 -13.89 -28.25
C ALA A 225 18.43 -12.72 -27.27
N MET A 226 18.49 -13.02 -25.97
CA MET A 226 18.65 -11.98 -24.94
C MET A 226 20.10 -11.54 -24.75
N LYS A 227 21.05 -12.32 -25.25
CA LYS A 227 22.48 -12.04 -25.07
C LYS A 227 22.91 -10.80 -25.88
N THR A 228 22.48 -10.74 -27.13
CA THR A 228 22.77 -9.60 -28.00
C THR A 228 21.59 -8.61 -28.01
N ALA A 229 21.23 -8.15 -26.82
CA ALA A 229 20.08 -7.24 -26.63
C ALA A 229 20.51 -5.83 -26.24
N GLU A 230 21.58 -5.71 -25.46
CA GLU A 230 22.12 -4.39 -25.06
C GLU A 230 22.87 -3.69 -26.19
N THR A 231 23.03 -2.38 -26.03
CA THR A 231 23.74 -1.53 -27.00
C THR A 231 24.90 -0.80 -26.31
N ALA A 232 25.53 0.14 -27.02
CA ALA A 232 26.67 0.90 -26.49
C ALA A 232 26.32 1.73 -25.24
N GLY A 233 25.09 2.21 -25.15
CA GLY A 233 24.65 3.06 -24.03
C GLY A 233 23.75 2.35 -23.02
N GLY A 234 23.72 1.02 -23.07
CA GLY A 234 22.92 0.23 -22.14
C GLY A 234 21.43 0.19 -22.44
N TYR A 235 21.08 0.34 -23.72
CA TYR A 235 19.67 0.36 -24.14
C TYR A 235 19.30 -0.90 -24.91
N ALA A 236 17.99 -1.16 -25.01
CA ALA A 236 17.47 -2.25 -25.81
C ALA A 236 17.29 -1.81 -27.26
N LYS A 237 17.04 -2.77 -28.15
CA LYS A 237 16.81 -2.50 -29.57
C LYS A 237 15.49 -3.14 -30.01
N GLU A 238 15.09 -2.87 -31.24
CA GLU A 238 13.86 -3.44 -31.81
C GLU A 238 14.04 -4.94 -32.04
N MET A 239 13.33 -5.75 -31.27
CA MET A 239 13.52 -7.21 -31.28
C MET A 239 12.85 -7.90 -32.46
N GLY A 240 11.76 -7.33 -32.97
CA GLY A 240 11.02 -7.91 -34.09
C GLY A 240 9.76 -8.62 -33.67
N GLU A 241 8.98 -9.04 -34.66
CA GLU A 241 7.66 -9.66 -34.43
C GLU A 241 7.76 -11.09 -33.90
N GLU A 242 8.78 -11.82 -34.36
CA GLU A 242 8.99 -13.21 -33.92
C GLU A 242 9.22 -13.30 -32.42
N PHE A 243 10.10 -12.46 -31.89
CA PHE A 243 10.38 -12.43 -30.46
C PHE A 243 9.17 -11.91 -29.66
N ARG A 244 8.38 -11.04 -30.28
CA ARG A 244 7.20 -10.47 -29.60
C ARG A 244 6.16 -11.55 -29.30
N LYS A 245 6.02 -12.53 -30.21
CA LYS A 245 5.14 -13.68 -29.97
C LYS A 245 5.71 -14.62 -28.91
N LYS A 246 7.03 -14.89 -29.00
CA LYS A 246 7.74 -15.69 -28.00
C LYS A 246 7.56 -15.11 -26.60
N GLN A 247 7.65 -13.78 -26.51
CA GLN A 247 7.53 -13.05 -25.24
C GLN A 247 6.10 -13.10 -24.70
N ALA A 248 5.13 -12.82 -25.56
CA ALA A 248 3.72 -12.83 -25.18
C ALA A 248 3.25 -14.17 -24.61
N GLU A 249 3.76 -15.27 -25.18
CA GLU A 249 3.39 -16.61 -24.73
C GLU A 249 3.94 -16.94 -23.35
N ALA A 250 5.23 -16.67 -23.15
CA ALA A 250 5.90 -16.91 -21.86
C ALA A 250 5.31 -16.05 -20.75
N VAL A 251 4.90 -14.84 -21.12
CA VAL A 251 4.31 -13.88 -20.19
C VAL A 251 2.89 -14.26 -19.79
N LEU A 252 2.16 -14.90 -20.71
CA LEU A 252 0.74 -15.22 -20.51
C LEU A 252 0.47 -15.96 -19.20
N LYS A 253 1.29 -16.98 -18.91
CA LYS A 253 1.13 -17.80 -17.71
C LYS A 253 1.00 -16.96 -16.44
N GLU A 254 1.83 -15.94 -16.31
CA GLU A 254 1.83 -15.06 -15.15
C GLU A 254 0.84 -13.91 -15.27
N LEU A 255 0.65 -13.39 -16.49
CA LEU A 255 -0.21 -12.22 -16.70
C LEU A 255 -1.69 -12.51 -16.39
N VAL A 256 -2.12 -13.75 -16.61
CA VAL A 256 -3.49 -14.16 -16.23
C VAL A 256 -3.66 -14.24 -14.71
N LYS A 257 -2.56 -14.38 -13.98
CA LYS A 257 -2.55 -14.35 -12.52
C LYS A 257 -2.16 -13.00 -11.94
N THR A 258 -1.76 -12.07 -12.81
CA THR A 258 -1.24 -10.78 -12.40
C THR A 258 -2.35 -9.80 -12.00
N ASP A 259 -2.14 -9.10 -10.88
CA ASP A 259 -3.06 -8.07 -10.41
C ASP A 259 -2.65 -6.68 -10.91
N ILE A 260 -1.36 -6.39 -10.82
CA ILE A 260 -0.82 -5.11 -11.29
C ILE A 260 0.28 -5.37 -12.32
N ALA A 261 0.11 -4.84 -13.53
CA ALA A 261 1.15 -4.89 -14.56
C ALA A 261 1.71 -3.49 -14.78
N ILE A 262 3.01 -3.32 -14.54
CA ILE A 262 3.67 -2.04 -14.75
C ILE A 262 4.61 -2.16 -15.96
N THR A 263 4.35 -1.34 -16.98
CA THR A 263 5.12 -1.40 -18.22
C THR A 263 5.95 -0.12 -18.35
N THR A 264 7.25 -0.30 -18.55
CA THR A 264 8.21 0.83 -18.56
C THR A 264 9.15 0.81 -19.76
N ALA A 265 8.85 0.00 -20.77
CA ALA A 265 9.79 -0.29 -21.84
C ALA A 265 9.89 0.85 -22.86
N LEU A 266 11.12 1.27 -23.14
CA LEU A 266 11.43 2.34 -24.08
C LEU A 266 12.51 1.90 -25.06
N ILE A 267 12.43 2.39 -26.30
CA ILE A 267 13.49 2.18 -27.30
C ILE A 267 13.85 3.55 -27.90
N PRO A 268 15.14 3.92 -27.85
CA PRO A 268 15.54 5.29 -28.23
C PRO A 268 15.20 5.62 -29.69
N GLY A 269 14.61 6.79 -29.91
CA GLY A 269 14.25 7.26 -31.24
C GLY A 269 13.08 6.56 -31.89
N LYS A 270 12.40 5.68 -31.14
CA LYS A 270 11.35 4.81 -31.69
C LYS A 270 10.10 4.83 -30.81
N PRO A 271 8.96 4.41 -31.37
CA PRO A 271 7.77 4.18 -30.56
C PRO A 271 8.00 3.09 -29.52
N ALA A 272 7.33 3.19 -28.39
CA ALA A 272 7.46 2.19 -27.33
C ALA A 272 6.94 0.84 -27.80
N PRO A 273 7.64 -0.25 -27.49
CA PRO A 273 7.26 -1.58 -27.98
C PRO A 273 5.99 -2.08 -27.32
N VAL A 274 5.14 -2.76 -28.09
CA VAL A 274 3.91 -3.31 -27.57
C VAL A 274 4.20 -4.59 -26.80
N LEU A 275 3.89 -4.58 -25.51
CA LEU A 275 4.14 -5.72 -24.63
C LEU A 275 2.85 -6.38 -24.13
N ILE A 276 1.78 -5.60 -24.02
CA ILE A 276 0.46 -6.12 -23.64
C ILE A 276 -0.58 -5.62 -24.63
N THR A 277 -0.97 -6.49 -25.57
CA THR A 277 -1.97 -6.15 -26.57
C THR A 277 -3.37 -6.17 -25.97
N GLU A 278 -4.35 -5.68 -26.73
CA GLU A 278 -5.75 -5.71 -26.27
C GLU A 278 -6.22 -7.15 -26.02
N GLU A 279 -5.74 -8.09 -26.83
CA GLU A 279 -6.07 -9.51 -26.66
C GLU A 279 -5.55 -10.06 -25.32
N MET A 280 -4.38 -9.60 -24.90
CA MET A 280 -3.80 -10.07 -23.63
C MET A 280 -4.54 -9.53 -22.40
N VAL A 281 -5.14 -8.34 -22.51
CA VAL A 281 -5.92 -7.78 -21.39
C VAL A 281 -7.28 -8.46 -21.26
N THR A 282 -7.77 -9.06 -22.35
CA THR A 282 -9.00 -9.87 -22.30
C THR A 282 -8.81 -11.07 -21.36
N LYS A 283 -7.58 -11.55 -21.23
CA LYS A 283 -7.26 -12.72 -20.42
C LYS A 283 -6.94 -12.39 -18.95
N MET A 284 -6.86 -11.10 -18.64
CA MET A 284 -6.53 -10.68 -17.27
C MET A 284 -7.76 -10.67 -16.37
N LYS A 285 -7.54 -10.84 -15.07
CA LYS A 285 -8.61 -10.84 -14.08
C LYS A 285 -9.33 -9.50 -14.02
N PRO A 286 -10.63 -9.52 -13.66
CA PRO A 286 -11.33 -8.26 -13.45
C PRO A 286 -10.82 -7.56 -12.20
N GLY A 287 -10.67 -6.25 -12.26
CA GLY A 287 -10.10 -5.48 -11.16
C GLY A 287 -8.60 -5.29 -11.28
N SER A 288 -7.99 -5.92 -12.28
CA SER A 288 -6.55 -5.78 -12.53
C SER A 288 -6.22 -4.39 -13.05
N VAL A 289 -4.97 -3.98 -12.83
CA VAL A 289 -4.51 -2.64 -13.21
C VAL A 289 -3.23 -2.74 -14.04
N ILE A 290 -3.18 -1.97 -15.13
CA ILE A 290 -1.97 -1.80 -15.91
C ILE A 290 -1.51 -0.34 -15.75
N ILE A 291 -0.27 -0.15 -15.30
CA ILE A 291 0.33 1.18 -15.25
C ILE A 291 1.32 1.34 -16.41
N ASP A 292 0.91 2.08 -17.45
CA ASP A 292 1.75 2.27 -18.64
C ASP A 292 2.59 3.53 -18.55
N LEU A 293 3.81 3.39 -18.02
CA LEU A 293 4.75 4.51 -17.89
C LEU A 293 5.35 4.95 -19.23
N ALA A 294 5.14 4.17 -20.29
CA ALA A 294 5.62 4.52 -21.63
C ALA A 294 4.53 5.12 -22.52
N VAL A 295 3.48 5.67 -21.89
CA VAL A 295 2.30 6.16 -22.62
C VAL A 295 2.59 7.38 -23.50
N GLU A 296 3.42 8.30 -23.02
CA GLU A 296 3.80 9.49 -23.80
C GLU A 296 4.65 9.14 -25.02
N ALA A 297 5.27 7.95 -25.01
CA ALA A 297 6.06 7.46 -26.13
C ALA A 297 5.30 6.46 -27.01
N GLY A 298 3.98 6.43 -26.87
CA GLY A 298 3.13 5.52 -27.65
C GLY A 298 2.40 4.51 -26.78
N GLY A 299 3.09 4.01 -25.75
CA GLY A 299 2.51 3.05 -24.82
C GLY A 299 2.96 1.63 -25.09
N ASN A 300 3.23 0.90 -24.01
CA ASN A 300 3.47 -0.55 -24.09
C ASN A 300 2.16 -1.30 -24.25
N CYS A 301 1.06 -0.64 -23.93
CA CYS A 301 -0.29 -1.18 -24.13
C CYS A 301 -1.07 -0.19 -24.99
N PRO A 302 -1.63 -0.66 -26.12
CA PRO A 302 -2.29 0.25 -27.06
C PRO A 302 -3.61 0.86 -26.56
N LEU A 303 -4.18 0.29 -25.49
CA LEU A 303 -5.38 0.85 -24.86
C LEU A 303 -5.08 2.04 -23.94
N SER A 304 -3.80 2.28 -23.66
CA SER A 304 -3.38 3.46 -22.90
C SER A 304 -3.74 4.75 -23.64
N GLU A 305 -4.16 5.75 -22.88
CA GLU A 305 -4.39 7.09 -23.41
C GLU A 305 -3.77 8.10 -22.43
N PRO A 306 -2.86 8.96 -22.94
CA PRO A 306 -2.17 9.92 -22.06
C PRO A 306 -3.11 10.84 -21.27
N GLY A 307 -2.88 10.91 -19.96
CA GLY A 307 -3.64 11.79 -19.07
C GLY A 307 -4.98 11.22 -18.63
N LYS A 308 -5.24 9.96 -18.99
CA LYS A 308 -6.53 9.32 -18.68
C LYS A 308 -6.34 7.94 -18.05
N ILE A 309 -7.34 7.53 -17.29
CA ILE A 309 -7.48 6.15 -16.84
C ILE A 309 -8.57 5.50 -17.69
N VAL A 310 -8.17 4.59 -18.56
CA VAL A 310 -9.09 3.87 -19.43
C VAL A 310 -9.57 2.61 -18.73
N VAL A 311 -10.87 2.33 -18.83
CA VAL A 311 -11.45 1.10 -18.31
C VAL A 311 -12.00 0.27 -19.46
N LYS A 312 -11.50 -0.94 -19.62
CA LYS A 312 -11.88 -1.79 -20.73
C LYS A 312 -11.60 -3.27 -20.39
N HIS A 313 -12.57 -4.13 -20.68
CA HIS A 313 -12.47 -5.57 -20.42
C HIS A 313 -12.32 -5.89 -18.93
N GLY A 314 -12.89 -5.02 -18.09
CA GLY A 314 -12.79 -5.16 -16.63
C GLY A 314 -11.42 -4.83 -16.07
N VAL A 315 -10.61 -4.11 -16.85
CA VAL A 315 -9.23 -3.83 -16.47
C VAL A 315 -8.95 -2.32 -16.57
N LYS A 316 -8.41 -1.76 -15.49
CA LYS A 316 -8.00 -0.35 -15.47
C LYS A 316 -6.63 -0.20 -16.14
N ILE A 317 -6.58 0.56 -17.24
CA ILE A 317 -5.30 0.89 -17.88
C ILE A 317 -5.01 2.36 -17.60
N VAL A 318 -3.97 2.59 -16.81
CA VAL A 318 -3.63 3.93 -16.31
C VAL A 318 -2.46 4.49 -17.11
N GLY A 319 -2.61 5.72 -17.60
CA GLY A 319 -1.59 6.36 -18.42
C GLY A 319 -1.41 7.82 -18.07
N HIS A 320 -1.08 8.07 -16.80
CA HIS A 320 -0.78 9.44 -16.36
C HIS A 320 0.41 10.01 -17.14
N THR A 321 0.30 11.28 -17.50
CA THR A 321 1.41 12.02 -18.10
C THR A 321 2.29 12.56 -16.99
N ASN A 322 3.56 12.77 -17.29
CA ASN A 322 4.49 13.45 -16.39
C ASN A 322 4.46 12.83 -14.99
N VAL A 323 4.77 11.54 -14.92
CA VAL A 323 4.73 10.81 -13.66
C VAL A 323 5.72 11.38 -12.62
N PRO A 324 6.92 11.80 -13.04
CA PRO A 324 7.83 12.46 -12.08
C PRO A 324 7.24 13.66 -11.35
N SER A 325 6.38 14.44 -12.02
CA SER A 325 5.70 15.57 -11.39
C SER A 325 4.65 15.16 -10.34
N ARG A 326 4.27 13.89 -10.34
CA ARG A 326 3.41 13.32 -9.29
C ARG A 326 4.21 13.03 -8.01
N VAL A 327 5.54 13.20 -8.08
CA VAL A 327 6.43 13.15 -6.91
C VAL A 327 7.28 14.44 -6.90
N ALA A 328 6.64 15.57 -7.16
CA ALA A 328 7.34 16.83 -7.45
C ALA A 328 8.28 17.32 -6.35
N ALA A 329 7.93 17.04 -5.09
CA ALA A 329 8.71 17.53 -3.95
C ALA A 329 10.01 16.74 -3.72
N ASP A 330 10.08 15.52 -4.26
CA ASP A 330 11.34 14.76 -4.31
C ASP A 330 12.04 14.96 -5.65
N ALA A 331 11.26 15.00 -6.72
CA ALA A 331 11.80 15.16 -8.07
C ALA A 331 12.55 16.48 -8.26
N SER A 332 12.04 17.55 -7.64
CA SER A 332 12.60 18.89 -7.80
C SER A 332 14.01 19.06 -7.21
N PRO A 333 14.20 18.73 -5.91
CA PRO A 333 15.57 18.83 -5.40
C PRO A 333 16.59 17.99 -6.16
N LEU A 334 16.17 16.84 -6.70
CA LEU A 334 17.07 15.97 -7.46
C LEU A 334 17.35 16.51 -8.87
N PHE A 335 16.36 17.13 -9.50
CA PHE A 335 16.54 17.80 -10.79
C PHE A 335 17.48 18.99 -10.64
N ALA A 336 17.28 19.76 -9.58
CA ALA A 336 18.14 20.90 -9.25
C ALA A 336 19.60 20.46 -9.03
N LYS A 337 19.79 19.28 -8.45
CA LYS A 337 21.13 18.73 -8.22
C LYS A 337 21.77 18.21 -9.50
N ASN A 338 20.96 17.65 -10.40
CA ASN A 338 21.47 17.24 -11.72
C ASN A 338 22.10 18.40 -12.47
N LEU A 339 21.41 19.54 -12.45
CA LEU A 339 21.87 20.77 -13.11
C LEU A 339 23.14 21.33 -12.45
N LEU A 340 23.15 21.35 -11.12
CA LEU A 340 24.30 21.84 -10.36
C LEU A 340 25.56 21.05 -10.68
N ASN A 341 25.43 19.72 -10.72
CA ASN A 341 26.56 18.85 -11.02
C ASN A 341 27.06 19.04 -12.46
N PHE A 342 26.14 19.36 -13.37
CA PHE A 342 26.49 19.63 -14.76
C PHE A 342 27.20 20.99 -14.92
N LEU A 343 26.78 21.97 -14.13
CA LEU A 343 27.29 23.33 -14.23
C LEU A 343 28.58 23.58 -13.43
N THR A 344 28.70 22.92 -12.27
CA THR A 344 29.78 23.21 -11.31
C THR A 344 31.22 23.13 -11.88
N PRO A 345 31.53 22.07 -12.65
CA PRO A 345 32.89 21.93 -13.19
C PRO A 345 33.36 23.05 -14.14
N HIS A 346 32.42 23.81 -14.69
CA HIS A 346 32.73 24.81 -15.71
C HIS A 346 32.70 26.26 -15.20
N VAL A 347 32.50 26.43 -13.90
CA VAL A 347 32.50 27.76 -13.29
C VAL A 347 33.93 28.22 -13.03
N ASP A 348 34.42 29.13 -13.87
CA ASP A 348 35.72 29.74 -13.67
C ASP A 348 35.65 30.61 -12.42
N LYS A 349 36.32 30.15 -11.35
CA LYS A 349 36.16 30.73 -10.02
C LYS A 349 36.54 32.20 -9.96
N ASP A 350 37.80 32.51 -10.23
CA ASP A 350 38.33 33.87 -10.06
C ASP A 350 38.13 34.78 -11.27
N THR A 351 37.02 34.61 -11.97
CA THR A 351 36.52 35.61 -12.93
C THR A 351 35.01 35.83 -12.80
N LYS A 352 34.39 35.20 -11.79
CA LYS A 352 32.93 35.13 -11.66
C LYS A 352 32.25 35.02 -13.03
N THR A 353 32.61 33.97 -13.76
CA THR A 353 32.08 33.73 -15.10
C THR A 353 31.89 32.23 -15.35
N LEU A 354 31.19 31.92 -16.43
CA LEU A 354 30.87 30.54 -16.80
C LEU A 354 31.48 30.23 -18.16
N VAL A 355 32.56 29.44 -18.15
CA VAL A 355 33.19 29.00 -19.39
C VAL A 355 32.93 27.51 -19.58
N MET A 356 31.94 27.18 -20.41
CA MET A 356 31.56 25.80 -20.67
C MET A 356 32.59 25.14 -21.59
N LYS A 357 33.48 24.34 -20.99
CA LYS A 357 34.56 23.66 -21.71
C LYS A 357 34.04 22.84 -22.89
N LEU A 358 34.46 23.20 -24.09
CA LEU A 358 33.94 22.60 -25.32
C LEU A 358 34.47 21.19 -25.54
N GLU A 359 35.66 20.90 -25.02
CA GLU A 359 36.27 19.57 -25.16
C GLU A 359 35.54 18.52 -24.33
N ASP A 360 34.86 18.95 -23.28
CA ASP A 360 34.10 18.05 -22.41
C ASP A 360 32.93 17.44 -23.18
N GLU A 361 32.88 16.11 -23.23
CA GLU A 361 31.82 15.40 -23.97
C GLU A 361 30.45 15.53 -23.29
N THR A 362 30.46 15.86 -22.00
CA THR A 362 29.24 16.25 -21.28
C THR A 362 28.67 17.56 -21.85
N VAL A 363 29.54 18.49 -22.23
CA VAL A 363 29.14 19.77 -22.81
C VAL A 363 28.77 19.65 -24.29
N SER A 364 29.53 18.85 -25.03
CA SER A 364 29.34 18.71 -26.48
C SER A 364 28.07 17.94 -26.83
N GLY A 365 27.81 16.86 -26.10
CA GLY A 365 26.62 16.03 -26.32
C GLY A 365 25.32 16.70 -25.91
N THR A 366 25.42 17.67 -25.01
CA THR A 366 24.25 18.35 -24.46
C THR A 366 23.87 19.62 -25.25
N CYS A 367 24.87 20.36 -25.73
CA CYS A 367 24.63 21.65 -26.38
C CYS A 367 23.91 21.51 -27.72
N VAL A 368 22.80 22.23 -27.88
CA VAL A 368 21.97 22.16 -29.08
C VAL A 368 22.21 23.39 -29.98
N THR A 369 22.35 24.56 -29.36
CA THR A 369 22.66 25.80 -30.08
C THR A 369 23.52 26.71 -29.21
N ARG A 370 24.32 27.58 -29.85
CA ARG A 370 25.11 28.57 -29.13
C ARG A 370 25.44 29.80 -29.99
N ASP A 371 25.20 30.98 -29.42
CA ASP A 371 25.53 32.26 -30.07
C ASP A 371 24.88 32.42 -31.45
N GLY A 372 23.65 31.91 -31.60
CA GLY A 372 22.89 32.03 -32.83
C GLY A 372 23.27 31.03 -33.91
N ALA A 373 23.64 29.81 -33.50
CA ALA A 373 24.02 28.77 -34.45
C ALA A 373 23.76 27.37 -33.86
N ILE A 374 22.92 26.60 -34.53
CA ILE A 374 22.60 25.22 -34.11
C ILE A 374 23.83 24.34 -34.35
N VAL A 375 24.43 23.86 -33.27
CA VAL A 375 25.75 23.22 -33.31
C VAL A 375 25.71 21.69 -33.40
N HIS A 376 24.80 21.08 -32.65
CA HIS A 376 24.72 19.61 -32.56
C HIS A 376 24.01 19.03 -33.79
N PRO A 377 24.66 18.09 -34.51
CA PRO A 377 24.06 17.41 -35.65
C PRO A 377 22.68 16.80 -35.34
N ALA A 378 21.65 17.34 -35.98
CA ALA A 378 20.28 16.86 -35.79
C ALA A 378 19.37 17.32 -36.93
N MET B 1 -34.49 -24.36 1.82
CA MET B 1 -33.99 -23.13 2.50
C MET B 1 -33.10 -22.31 1.57
N LYS B 2 -33.55 -21.10 1.25
CA LYS B 2 -32.83 -20.21 0.34
C LYS B 2 -32.13 -19.08 1.10
N ILE B 3 -30.91 -18.77 0.70
CA ILE B 3 -30.20 -17.60 1.18
C ILE B 3 -29.96 -16.66 -0.01
N ALA B 4 -30.17 -15.37 0.20
CA ALA B 4 -30.05 -14.39 -0.89
C ALA B 4 -29.13 -13.22 -0.53
N ILE B 5 -28.35 -12.77 -1.52
CA ILE B 5 -27.45 -11.64 -1.37
C ILE B 5 -27.70 -10.63 -2.49
N PRO B 6 -28.26 -9.45 -2.15
CA PRO B 6 -28.55 -8.47 -3.17
C PRO B 6 -27.36 -7.56 -3.43
N LYS B 7 -27.47 -6.69 -4.43
CA LYS B 7 -26.47 -5.65 -4.64
C LYS B 7 -26.65 -4.55 -3.60
N GLU B 8 -25.54 -3.96 -3.17
CA GLU B 8 -25.56 -2.81 -2.28
C GLU B 8 -25.96 -1.57 -3.06
N ARG B 9 -27.01 -0.89 -2.58
CA ARG B 9 -27.63 0.22 -3.31
C ARG B 9 -27.23 1.60 -2.77
N ARG B 10 -26.68 1.64 -1.56
CA ARG B 10 -26.23 2.91 -0.97
C ARG B 10 -25.08 3.50 -1.79
N PRO B 11 -25.14 4.82 -2.07
CA PRO B 11 -24.11 5.46 -2.89
C PRO B 11 -22.69 5.14 -2.43
N GLY B 12 -21.85 4.70 -3.37
CA GLY B 12 -20.43 4.47 -3.10
C GLY B 12 -20.09 3.13 -2.49
N GLU B 13 -21.10 2.32 -2.15
CA GLU B 13 -20.87 0.99 -1.58
C GLU B 13 -20.59 -0.01 -2.69
N ASP B 14 -19.35 -0.50 -2.74
CA ASP B 14 -18.93 -1.47 -3.76
C ASP B 14 -18.71 -2.89 -3.23
N ARG B 15 -18.85 -3.06 -1.92
CA ARG B 15 -18.71 -4.38 -1.31
C ARG B 15 -19.97 -5.20 -1.57
N VAL B 16 -19.85 -6.51 -1.41
CA VAL B 16 -20.97 -7.44 -1.48
C VAL B 16 -20.79 -8.48 -0.36
N ALA B 17 -21.90 -9.00 0.15
CA ALA B 17 -21.85 -9.92 1.29
C ALA B 17 -21.78 -11.38 0.82
N ILE B 18 -20.86 -11.67 -0.10
CA ILE B 18 -20.68 -13.01 -0.65
C ILE B 18 -19.32 -13.12 -1.34
N SER B 19 -18.84 -14.35 -1.48
CA SER B 19 -17.69 -14.67 -2.32
C SER B 19 -17.90 -16.07 -2.92
N PRO B 20 -17.19 -16.39 -4.01
CA PRO B 20 -17.28 -17.74 -4.59
C PRO B 20 -16.97 -18.86 -3.58
N GLU B 21 -15.95 -18.65 -2.74
CA GLU B 21 -15.58 -19.63 -1.72
C GLU B 21 -16.73 -19.88 -0.75
N VAL B 22 -17.36 -18.80 -0.28
CA VAL B 22 -18.42 -18.90 0.72
C VAL B 22 -19.70 -19.51 0.11
N VAL B 23 -19.93 -19.26 -1.18
CA VAL B 23 -21.03 -19.89 -1.89
C VAL B 23 -20.90 -21.42 -1.82
N LYS B 24 -19.68 -21.93 -2.03
CA LYS B 24 -19.43 -23.38 -1.97
C LYS B 24 -19.77 -23.94 -0.60
N LYS B 25 -19.40 -23.23 0.46
CA LYS B 25 -19.67 -23.66 1.82
C LYS B 25 -21.17 -23.64 2.15
N LEU B 26 -21.89 -22.66 1.60
CA LEU B 26 -23.33 -22.52 1.85
C LEU B 26 -24.15 -23.63 1.17
N VAL B 27 -23.81 -23.95 -0.07
CA VAL B 27 -24.48 -25.04 -0.79
C VAL B 27 -24.16 -26.39 -0.13
N GLY B 28 -22.93 -26.56 0.33
CA GLY B 28 -22.54 -27.74 1.10
C GLY B 28 -23.32 -27.90 2.40
N LEU B 29 -23.74 -26.78 2.98
CA LEU B 29 -24.58 -26.78 4.19
C LEU B 29 -26.05 -27.08 3.90
N GLY B 30 -26.46 -26.99 2.63
CA GLY B 30 -27.84 -27.29 2.23
C GLY B 30 -28.64 -26.11 1.72
N PHE B 31 -28.01 -24.95 1.57
CA PHE B 31 -28.69 -23.75 1.09
C PHE B 31 -28.77 -23.71 -0.43
N GLU B 32 -29.84 -23.12 -0.94
CA GLU B 32 -29.87 -22.61 -2.31
C GLU B 32 -29.38 -21.16 -2.23
N VAL B 33 -28.21 -20.90 -2.79
CA VAL B 33 -27.65 -19.56 -2.78
C VAL B 33 -28.12 -18.80 -4.00
N ILE B 34 -28.73 -17.63 -3.75
CA ILE B 34 -29.20 -16.75 -4.81
C ILE B 34 -28.53 -15.40 -4.63
N VAL B 35 -28.03 -14.81 -5.72
CA VAL B 35 -27.48 -13.46 -5.65
C VAL B 35 -27.90 -12.62 -6.85
N GLU B 36 -28.22 -11.35 -6.59
CA GLU B 36 -28.66 -10.41 -7.63
C GLU B 36 -27.55 -10.20 -8.65
N GLN B 37 -27.93 -10.05 -9.92
CA GLN B 37 -26.96 -9.86 -11.00
C GLN B 37 -26.23 -8.54 -10.82
N GLY B 38 -24.92 -8.56 -11.02
CA GLY B 38 -24.08 -7.38 -10.87
C GLY B 38 -23.71 -7.02 -9.44
N ALA B 39 -24.15 -7.83 -8.46
CA ALA B 39 -23.95 -7.52 -7.04
C ALA B 39 -22.47 -7.46 -6.64
N GLY B 40 -21.64 -8.27 -7.29
CA GLY B 40 -20.23 -8.38 -6.95
C GLY B 40 -19.25 -7.67 -7.87
N VAL B 41 -19.76 -6.88 -8.82
CA VAL B 41 -18.92 -6.20 -9.82
C VAL B 41 -17.93 -5.21 -9.17
N GLY B 42 -18.40 -4.47 -8.18
CA GLY B 42 -17.54 -3.54 -7.44
C GLY B 42 -16.43 -4.26 -6.68
N ALA B 43 -16.70 -5.51 -6.31
CA ALA B 43 -15.72 -6.35 -5.60
C ALA B 43 -14.99 -7.31 -6.54
N SER B 44 -15.06 -7.07 -7.85
CA SER B 44 -14.42 -7.90 -8.87
C SER B 44 -14.88 -9.37 -8.81
N ILE B 45 -16.15 -9.57 -8.48
CA ILE B 45 -16.76 -10.89 -8.44
C ILE B 45 -17.85 -10.93 -9.50
N THR B 46 -17.59 -11.61 -10.62
CA THR B 46 -18.54 -11.66 -11.73
C THR B 46 -19.66 -12.64 -11.44
N ASP B 47 -20.75 -12.49 -12.18
CA ASP B 47 -21.90 -13.40 -12.07
C ASP B 47 -21.48 -14.82 -12.44
N ASP B 48 -20.62 -14.93 -13.46
CA ASP B 48 -20.07 -16.22 -13.89
C ASP B 48 -19.28 -16.92 -12.77
N ALA B 49 -18.52 -16.14 -12.00
CA ALA B 49 -17.74 -16.69 -10.90
C ALA B 49 -18.63 -17.27 -9.80
N LEU B 50 -19.76 -16.61 -9.52
CA LEU B 50 -20.71 -17.06 -8.50
C LEU B 50 -21.47 -18.31 -8.93
N THR B 51 -21.91 -18.33 -10.20
CA THR B 51 -22.64 -19.49 -10.73
C THR B 51 -21.78 -20.75 -10.72
N ALA B 52 -20.49 -20.60 -11.01
CA ALA B 52 -19.55 -21.73 -11.00
C ALA B 52 -19.37 -22.33 -9.60
N ALA B 53 -19.62 -21.53 -8.57
CA ALA B 53 -19.56 -22.00 -7.18
C ALA B 53 -20.90 -22.58 -6.69
N GLY B 54 -21.93 -22.53 -7.53
CA GLY B 54 -23.24 -23.12 -7.22
C GLY B 54 -24.38 -22.14 -7.02
N ALA B 55 -24.15 -20.85 -7.27
CA ALA B 55 -25.18 -19.82 -7.05
C ALA B 55 -26.10 -19.62 -8.25
N THR B 56 -27.32 -19.18 -7.98
CA THR B 56 -28.27 -18.80 -9.02
C THR B 56 -28.32 -17.28 -9.11
N ILE B 57 -28.39 -16.75 -10.33
CA ILE B 57 -28.45 -15.31 -10.54
C ILE B 57 -29.89 -14.86 -10.78
N ALA B 58 -30.38 -14.01 -9.88
CA ALA B 58 -31.66 -13.33 -10.06
C ALA B 58 -31.40 -12.00 -10.77
N SER B 59 -32.32 -11.61 -11.65
CA SER B 59 -32.12 -10.42 -12.48
C SER B 59 -32.42 -9.10 -11.75
N THR B 60 -33.21 -9.16 -10.68
CA THR B 60 -33.54 -7.98 -9.88
C THR B 60 -33.41 -8.27 -8.39
N ALA B 61 -33.34 -7.21 -7.59
CA ALA B 61 -33.28 -7.32 -6.14
C ALA B 61 -34.53 -7.98 -5.58
N ALA B 62 -35.69 -7.58 -6.09
CA ALA B 62 -36.97 -8.12 -5.65
C ALA B 62 -37.05 -9.64 -5.84
N GLN B 63 -36.59 -10.11 -6.99
CA GLN B 63 -36.61 -11.54 -7.30
C GLN B 63 -35.62 -12.32 -6.45
N ALA B 64 -34.44 -11.74 -6.22
CA ALA B 64 -33.42 -12.35 -5.37
C ALA B 64 -33.93 -12.59 -3.95
N LEU B 65 -34.63 -11.60 -3.39
CA LEU B 65 -35.07 -11.64 -1.99
C LEU B 65 -36.46 -12.25 -1.79
N SER B 66 -37.22 -12.41 -2.86
CA SER B 66 -38.64 -12.80 -2.76
C SER B 66 -38.90 -14.02 -1.87
N GLN B 67 -38.18 -15.11 -2.11
CA GLN B 67 -38.40 -16.38 -1.41
C GLN B 67 -37.32 -16.71 -0.37
N ALA B 68 -36.40 -15.77 -0.12
CA ALA B 68 -35.24 -16.05 0.73
C ALA B 68 -35.58 -16.12 2.23
N ASP B 69 -35.15 -17.21 2.87
CA ASP B 69 -35.32 -17.40 4.32
C ASP B 69 -34.21 -16.70 5.10
N VAL B 70 -33.04 -16.61 4.47
CA VAL B 70 -31.91 -15.86 5.01
C VAL B 70 -31.49 -14.80 4.00
N VAL B 71 -31.27 -13.59 4.48
CA VAL B 71 -30.74 -12.51 3.66
C VAL B 71 -29.42 -12.02 4.24
N TRP B 72 -28.39 -11.97 3.39
CA TRP B 72 -27.10 -11.39 3.75
C TRP B 72 -26.89 -10.14 2.93
N LYS B 73 -26.47 -9.07 3.58
CA LYS B 73 -25.98 -7.89 2.88
C LYS B 73 -24.96 -7.19 3.77
N VAL B 74 -24.28 -6.18 3.25
CA VAL B 74 -23.24 -5.51 4.04
C VAL B 74 -23.83 -4.33 4.83
N GLN B 75 -24.38 -3.31 4.17
CA GLN B 75 -24.98 -2.19 4.89
C GLN B 75 -26.47 -2.41 5.13
N ARG B 76 -27.00 -1.68 6.11
CA ARG B 76 -28.40 -1.83 6.50
C ARG B 76 -29.33 -1.55 5.32
N PRO B 77 -30.45 -2.28 5.24
CA PRO B 77 -31.38 -2.03 4.15
C PRO B 77 -31.99 -0.64 4.22
N MET B 78 -32.24 -0.04 3.06
CA MET B 78 -32.89 1.26 2.98
C MET B 78 -34.37 1.15 3.32
N THR B 79 -34.91 2.19 3.94
CA THR B 79 -36.32 2.23 4.32
C THR B 79 -37.09 3.13 3.35
N ALA B 80 -38.41 3.16 3.50
CA ALA B 80 -39.26 4.01 2.67
C ALA B 80 -39.00 5.51 2.90
N GLU B 81 -38.54 5.85 4.10
CA GLU B 81 -38.15 7.22 4.42
C GLU B 81 -36.92 7.69 3.63
N GLU B 82 -36.07 6.73 3.22
CA GLU B 82 -34.90 7.03 2.40
C GLU B 82 -35.21 6.98 0.89
N GLY B 83 -36.47 6.69 0.55
CA GLY B 83 -36.93 6.70 -0.84
C GLY B 83 -36.88 5.36 -1.56
N THR B 84 -36.26 4.35 -0.93
CA THR B 84 -36.17 3.02 -1.51
C THR B 84 -36.41 1.97 -0.42
N ASP B 85 -37.62 1.41 -0.40
CA ASP B 85 -38.03 0.48 0.64
C ASP B 85 -37.47 -0.92 0.37
N GLU B 86 -36.22 -1.14 0.79
CA GLU B 86 -35.56 -2.43 0.64
C GLU B 86 -36.07 -3.48 1.64
N VAL B 87 -36.55 -3.03 2.81
CA VAL B 87 -37.04 -3.99 3.82
C VAL B 87 -38.33 -4.66 3.33
N ALA B 88 -39.08 -3.94 2.49
CA ALA B 88 -40.30 -4.49 1.88
C ALA B 88 -40.01 -5.67 0.94
N LEU B 89 -38.82 -5.66 0.33
CA LEU B 89 -38.35 -6.76 -0.51
C LEU B 89 -38.05 -8.03 0.28
N ILE B 90 -37.66 -7.87 1.55
CA ILE B 90 -37.33 -9.02 2.39
C ILE B 90 -38.61 -9.73 2.80
N LYS B 91 -38.62 -11.06 2.71
CA LYS B 91 -39.81 -11.86 3.03
C LYS B 91 -40.15 -11.82 4.52
N GLU B 92 -41.44 -11.88 4.84
CA GLU B 92 -41.88 -11.92 6.24
C GLU B 92 -41.43 -13.21 6.91
N GLY B 93 -40.93 -13.10 8.14
CA GLY B 93 -40.44 -14.25 8.90
C GLY B 93 -38.99 -14.59 8.63
N ALA B 94 -38.37 -13.91 7.65
CA ALA B 94 -37.01 -14.22 7.23
C ALA B 94 -35.96 -13.74 8.23
N VAL B 95 -34.73 -14.18 8.01
CA VAL B 95 -33.59 -13.78 8.86
C VAL B 95 -32.67 -12.88 8.05
N LEU B 96 -32.29 -11.74 8.64
CA LEU B 96 -31.35 -10.80 8.01
C LEU B 96 -30.07 -10.71 8.83
N MET B 97 -28.93 -10.84 8.15
CA MET B 97 -27.62 -10.63 8.78
C MET B 97 -26.85 -9.59 7.98
N CYS B 98 -26.47 -8.51 8.66
CA CYS B 98 -25.71 -7.44 8.01
C CYS B 98 -25.13 -6.48 9.05
N HIS B 99 -24.36 -5.51 8.56
CA HIS B 99 -23.93 -4.38 9.37
C HIS B 99 -25.13 -3.42 9.47
N LEU B 100 -25.88 -3.55 10.56
CA LEU B 100 -27.20 -2.90 10.67
C LEU B 100 -27.13 -1.46 11.18
N GLY B 101 -26.07 -1.13 11.92
CA GLY B 101 -25.98 0.15 12.62
C GLY B 101 -27.17 0.37 13.55
N ALA B 102 -27.61 -0.72 14.18
CA ALA B 102 -28.90 -0.79 14.86
C ALA B 102 -29.08 0.24 15.99
N LEU B 103 -28.02 0.50 16.74
CA LEU B 103 -28.12 1.39 17.90
C LEU B 103 -28.21 2.87 17.53
N THR B 104 -27.79 3.22 16.31
CA THR B 104 -27.91 4.59 15.81
C THR B 104 -29.00 4.73 14.72
N ASN B 105 -29.67 3.63 14.38
CA ASN B 105 -30.69 3.62 13.33
C ASN B 105 -31.90 2.80 13.76
N ARG B 106 -32.65 3.32 14.72
CA ARG B 106 -33.85 2.65 15.21
C ARG B 106 -34.93 2.47 14.13
N PRO B 107 -35.12 3.47 13.24
CA PRO B 107 -36.13 3.34 12.20
C PRO B 107 -36.04 2.09 11.32
N VAL B 108 -34.83 1.63 10.99
CA VAL B 108 -34.68 0.40 10.21
C VAL B 108 -35.02 -0.83 11.06
N VAL B 109 -34.74 -0.78 12.35
CA VAL B 109 -35.08 -1.85 13.28
C VAL B 109 -36.60 -1.97 13.40
N GLU B 110 -37.26 -0.83 13.57
CA GLU B 110 -38.73 -0.76 13.59
C GLU B 110 -39.34 -1.36 12.33
N ALA B 111 -38.87 -0.90 11.17
CA ALA B 111 -39.41 -1.32 9.88
C ALA B 111 -39.27 -2.83 9.64
N LEU B 112 -38.13 -3.39 10.03
CA LEU B 112 -37.93 -4.85 9.95
C LEU B 112 -38.87 -5.59 10.88
N THR B 113 -39.10 -5.03 12.07
CA THR B 113 -39.97 -5.63 13.08
C THR B 113 -41.43 -5.73 12.59
N LYS B 114 -41.85 -4.76 11.77
CA LYS B 114 -43.19 -4.79 11.18
C LYS B 114 -43.41 -6.01 10.30
N ARG B 115 -42.37 -6.44 9.59
CA ARG B 115 -42.43 -7.62 8.73
C ARG B 115 -42.01 -8.91 9.46
N LYS B 116 -41.93 -8.86 10.78
CA LYS B 116 -41.56 -10.02 11.61
C LYS B 116 -40.24 -10.67 11.16
N ILE B 117 -39.29 -9.83 10.77
CA ILE B 117 -37.97 -10.28 10.34
C ILE B 117 -37.05 -10.35 11.55
N THR B 118 -36.34 -11.47 11.71
CA THR B 118 -35.33 -11.59 12.74
C THR B 118 -34.00 -11.04 12.19
N ALA B 119 -33.52 -9.96 12.80
CA ALA B 119 -32.32 -9.27 12.32
C ALA B 119 -31.16 -9.40 13.30
N TYR B 120 -30.00 -9.78 12.78
CA TYR B 120 -28.78 -9.88 13.57
C TYR B 120 -27.80 -8.80 13.15
N ALA B 121 -27.56 -7.86 14.06
CA ALA B 121 -26.65 -6.74 13.82
C ALA B 121 -25.21 -7.17 14.09
N MET B 122 -24.44 -7.38 13.02
CA MET B 122 -23.09 -7.96 13.11
C MET B 122 -22.10 -7.11 13.91
N GLU B 123 -22.31 -5.79 13.92
CA GLU B 123 -21.43 -4.88 14.67
C GLU B 123 -21.50 -5.07 16.19
N LEU B 124 -22.59 -5.69 16.65
CA LEU B 124 -22.79 -5.96 18.08
C LEU B 124 -22.25 -7.33 18.51
N MET B 125 -21.41 -7.94 17.67
CA MET B 125 -20.78 -9.22 17.98
C MET B 125 -19.99 -9.10 19.29
N PRO B 126 -20.18 -10.05 20.22
CA PRO B 126 -19.48 -9.95 21.50
C PRO B 126 -17.97 -10.13 21.35
N ARG B 127 -17.22 -9.42 22.19
CA ARG B 127 -15.77 -9.39 22.09
C ARG B 127 -15.17 -10.55 22.90
N ILE B 128 -15.36 -11.76 22.37
CA ILE B 128 -14.80 -12.98 22.93
C ILE B 128 -13.95 -13.68 21.87
N SER B 129 -12.97 -14.47 22.31
CA SER B 129 -12.02 -15.11 21.40
C SER B 129 -12.70 -15.96 20.33
N ARG B 130 -13.76 -16.66 20.76
CA ARG B 130 -14.56 -17.52 19.88
C ARG B 130 -15.15 -16.77 18.67
N ALA B 131 -15.39 -15.47 18.84
CA ALA B 131 -16.11 -14.67 17.83
C ALA B 131 -15.21 -13.73 17.02
N GLN B 132 -13.89 -13.87 17.13
CA GLN B 132 -12.95 -13.06 16.34
C GLN B 132 -13.11 -13.35 14.84
N SER B 133 -13.49 -14.59 14.53
CA SER B 133 -13.73 -15.02 13.15
C SER B 133 -15.04 -14.46 12.57
N MET B 134 -15.91 -13.93 13.42
CA MET B 134 -17.22 -13.43 13.02
C MET B 134 -17.27 -11.89 13.06
N ASP B 135 -16.14 -11.26 13.33
CA ASP B 135 -16.09 -9.84 13.70
C ASP B 135 -15.82 -8.94 12.48
N ILE B 136 -16.88 -8.25 12.03
CA ILE B 136 -16.80 -7.37 10.87
C ILE B 136 -16.14 -6.02 11.17
N LEU B 137 -16.15 -5.62 12.44
CA LEU B 137 -15.46 -4.39 12.85
C LEU B 137 -13.94 -4.54 12.63
N SER B 138 -13.40 -5.69 13.01
CA SER B 138 -11.98 -5.97 12.86
C SER B 138 -11.57 -6.11 11.40
N SER B 139 -12.28 -6.97 10.66
CA SER B 139 -11.90 -7.28 9.28
C SER B 139 -11.94 -6.06 8.37
N GLN B 140 -12.98 -5.24 8.53
CA GLN B 140 -13.20 -4.09 7.66
C GLN B 140 -12.29 -2.90 8.01
N SER B 141 -12.16 -2.60 9.30
CA SER B 141 -11.29 -1.51 9.76
C SER B 141 -9.79 -1.80 9.55
N ASN B 142 -9.42 -3.07 9.54
CA ASN B 142 -8.04 -3.47 9.25
C ASN B 142 -7.63 -3.05 7.84
N LEU B 143 -8.49 -3.31 6.87
CA LEU B 143 -8.24 -2.90 5.49
C LEU B 143 -8.29 -1.38 5.32
N ALA B 144 -9.08 -0.70 6.16
CA ALA B 144 -9.15 0.76 6.15
C ALA B 144 -7.82 1.38 6.58
N GLY B 145 -7.17 0.76 7.56
CA GLY B 145 -5.87 1.21 8.05
C GLY B 145 -4.80 1.09 6.98
N TYR B 146 -4.81 -0.04 6.27
CA TYR B 146 -3.97 -0.22 5.10
C TYR B 146 -4.25 0.86 4.05
N ARG B 147 -5.54 1.06 3.73
CA ARG B 147 -5.99 2.01 2.71
C ARG B 147 -5.56 3.43 3.01
N ALA B 148 -5.65 3.81 4.28
CA ALA B 148 -5.30 5.15 4.74
C ALA B 148 -3.89 5.52 4.31
N VAL B 149 -2.98 4.55 4.39
CA VAL B 149 -1.59 4.75 4.00
C VAL B 149 -1.45 4.84 2.49
N ILE B 150 -2.19 4.01 1.76
CA ILE B 150 -2.17 4.05 0.29
C ILE B 150 -2.71 5.39 -0.22
N ASP B 151 -3.76 5.90 0.44
CA ASP B 151 -4.34 7.20 0.11
C ASP B 151 -3.41 8.35 0.48
N GLY B 152 -2.74 8.23 1.64
CA GLY B 152 -1.74 9.22 2.05
C GLY B 152 -0.58 9.31 1.07
N ALA B 153 -0.06 8.16 0.65
CA ALA B 153 1.05 8.10 -0.30
C ALA B 153 0.65 8.64 -1.67
N TYR B 154 -0.60 8.43 -2.06
CA TYR B 154 -1.12 8.93 -3.33
C TYR B 154 -1.20 10.45 -3.35
N GLU B 155 -1.71 11.02 -2.27
CA GLU B 155 -1.90 12.46 -2.19
C GLU B 155 -0.61 13.22 -1.89
N PHE B 156 0.40 12.52 -1.37
CA PHE B 156 1.67 13.14 -0.98
C PHE B 156 2.61 13.25 -2.17
N ALA B 157 3.36 14.35 -2.23
CA ALA B 157 4.21 14.65 -3.38
C ALA B 157 5.69 14.21 -3.21
N ARG B 158 5.98 13.47 -2.13
CA ARG B 158 7.29 12.82 -1.98
C ARG B 158 7.10 11.32 -1.80
N ALA B 159 8.16 10.57 -2.06
CA ALA B 159 8.16 9.12 -1.86
C ALA B 159 8.29 8.80 -0.38
N PHE B 160 7.70 7.67 0.04
CA PHE B 160 7.77 7.22 1.43
C PHE B 160 9.19 6.84 1.89
N PRO B 161 9.90 6.02 1.10
CA PRO B 161 11.22 5.57 1.55
C PRO B 161 12.34 6.59 1.35
N MET B 162 13.40 6.46 2.14
CA MET B 162 14.65 7.17 1.87
C MET B 162 15.27 6.58 0.62
N MET B 163 15.85 7.44 -0.21
CA MET B 163 16.53 6.99 -1.42
C MET B 163 17.86 7.69 -1.58
N MET B 164 18.92 6.89 -1.60
CA MET B 164 20.27 7.40 -1.81
C MET B 164 20.62 7.17 -3.27
N THR B 165 20.81 8.25 -4.01
CA THR B 165 21.00 8.18 -5.46
C THR B 165 22.25 8.92 -5.91
N ALA B 166 22.57 8.76 -7.20
CA ALA B 166 23.70 9.46 -7.81
C ALA B 166 23.52 10.98 -7.78
N ALA B 167 22.27 11.43 -7.86
CA ALA B 167 21.95 12.86 -7.89
C ALA B 167 21.75 13.46 -6.49
N GLY B 168 21.75 12.62 -5.46
CA GLY B 168 21.56 13.09 -4.09
C GLY B 168 20.57 12.22 -3.34
N THR B 169 20.37 12.55 -2.06
CA THR B 169 19.53 11.75 -1.18
C THR B 169 18.25 12.52 -0.88
N VAL B 170 17.14 11.79 -0.86
CA VAL B 170 15.85 12.34 -0.42
C VAL B 170 15.41 11.59 0.83
N PRO B 171 14.96 12.34 1.87
CA PRO B 171 14.69 11.71 3.15
C PRO B 171 13.39 10.91 3.17
N PRO B 172 13.21 10.06 4.20
CA PRO B 172 11.96 9.32 4.30
C PRO B 172 10.78 10.24 4.64
N ALA B 173 9.56 9.77 4.38
CA ALA B 173 8.37 10.45 4.83
C ALA B 173 8.21 10.19 6.32
N ARG B 174 7.69 11.17 7.05
CA ARG B 174 7.44 11.02 8.48
C ARG B 174 5.94 10.92 8.72
N VAL B 175 5.51 9.86 9.39
CA VAL B 175 4.09 9.55 9.57
C VAL B 175 3.73 9.58 11.05
N LEU B 176 2.60 10.19 11.36
CA LEU B 176 2.09 10.21 12.73
C LEU B 176 0.68 9.60 12.72
N VAL B 177 0.53 8.47 13.40
CA VAL B 177 -0.75 7.79 13.49
C VAL B 177 -1.40 8.09 14.84
N PHE B 178 -2.56 8.77 14.80
CA PHE B 178 -3.36 9.00 15.99
C PHE B 178 -4.41 7.90 16.12
N GLY B 179 -4.40 7.20 17.26
CA GLY B 179 -5.30 6.08 17.47
C GLY B 179 -4.64 4.79 17.01
N VAL B 180 -4.37 3.89 17.96
CA VAL B 180 -3.69 2.64 17.67
C VAL B 180 -4.60 1.46 18.04
N GLY B 181 -5.77 1.43 17.41
CA GLY B 181 -6.60 0.23 17.36
C GLY B 181 -6.28 -0.55 16.09
N VAL B 182 -7.22 -1.35 15.62
CA VAL B 182 -6.99 -2.25 14.49
C VAL B 182 -6.50 -1.50 13.24
N ALA B 183 -7.27 -0.49 12.83
CA ALA B 183 -6.91 0.36 11.69
C ALA B 183 -5.54 1.04 11.90
N GLY B 184 -5.34 1.60 13.08
CA GLY B 184 -4.10 2.28 13.43
C GLY B 184 -2.87 1.40 13.34
N LEU B 185 -3.00 0.16 13.81
CA LEU B 185 -1.89 -0.79 13.76
C LEU B 185 -1.51 -1.16 12.32
N GLN B 186 -2.50 -1.38 11.46
CA GLN B 186 -2.21 -1.74 10.07
C GLN B 186 -1.65 -0.55 9.29
N ALA B 187 -2.07 0.65 9.65
CA ALA B 187 -1.52 1.86 9.06
C ALA B 187 -0.04 2.01 9.42
N ILE B 188 0.29 1.77 10.69
CA ILE B 188 1.69 1.77 11.13
C ILE B 188 2.53 0.75 10.35
N ALA B 189 2.01 -0.46 10.22
CA ALA B 189 2.72 -1.54 9.53
C ALA B 189 2.90 -1.25 8.03
N THR B 190 1.87 -0.68 7.41
CA THR B 190 1.92 -0.38 5.98
C THR B 190 2.84 0.81 5.72
N ALA B 191 2.74 1.83 6.58
CA ALA B 191 3.64 2.99 6.52
C ALA B 191 5.10 2.58 6.71
N LYS B 192 5.36 1.72 7.69
CA LYS B 192 6.73 1.34 8.00
C LYS B 192 7.37 0.49 6.89
N ARG B 193 6.62 -0.46 6.34
CA ARG B 193 7.16 -1.32 5.28
C ARG B 193 7.47 -0.54 3.99
N LEU B 194 6.75 0.56 3.77
CA LEU B 194 7.04 1.48 2.67
C LEU B 194 8.30 2.33 2.91
N GLY B 195 8.80 2.34 4.14
CA GLY B 195 10.09 2.95 4.47
C GLY B 195 10.00 4.26 5.24
N ALA B 196 8.79 4.61 5.67
CA ALA B 196 8.58 5.84 6.43
C ALA B 196 9.00 5.69 7.89
N VAL B 197 9.42 6.80 8.49
CA VAL B 197 9.59 6.87 9.94
C VAL B 197 8.20 7.07 10.52
N VAL B 198 7.83 6.27 11.52
CA VAL B 198 6.45 6.24 12.00
C VAL B 198 6.35 6.48 13.51
N MET B 199 5.65 7.54 13.87
CA MET B 199 5.29 7.83 15.27
C MET B 199 3.83 7.49 15.48
N ALA B 200 3.44 7.27 16.73
CA ALA B 200 2.05 7.04 17.06
C ALA B 200 1.71 7.50 18.48
N THR B 201 0.44 7.81 18.71
CA THR B 201 -0.05 8.16 20.03
C THR B 201 -1.45 7.59 20.25
N ASP B 202 -1.80 7.39 21.52
CA ASP B 202 -3.10 6.84 21.90
C ASP B 202 -3.25 6.97 23.42
N VAL B 203 -4.49 7.07 23.88
CA VAL B 203 -4.78 7.20 25.32
C VAL B 203 -4.54 5.92 26.11
N ARG B 204 -4.78 4.76 25.49
CA ARG B 204 -4.62 3.47 26.16
C ARG B 204 -3.15 3.10 26.35
N ALA B 205 -2.82 2.63 27.55
CA ALA B 205 -1.42 2.40 27.94
C ALA B 205 -0.77 1.21 27.23
N ALA B 206 -1.51 0.11 27.11
CA ALA B 206 -0.99 -1.14 26.51
C ALA B 206 -0.60 -0.97 25.05
N THR B 207 -1.07 0.12 24.45
CA THR B 207 -0.89 0.36 23.03
C THR B 207 0.53 0.79 22.66
N LYS B 208 1.27 1.33 23.63
CA LYS B 208 2.67 1.74 23.42
C LYS B 208 3.52 0.56 23.00
N GLU B 209 3.34 -0.56 23.69
CA GLU B 209 4.06 -1.80 23.39
C GLU B 209 3.66 -2.34 22.01
N GLN B 210 2.40 -2.16 21.64
CA GLN B 210 1.88 -2.60 20.33
C GLN B 210 2.51 -1.80 19.19
N VAL B 211 2.61 -0.49 19.38
CA VAL B 211 3.29 0.40 18.42
C VAL B 211 4.74 -0.03 18.21
N GLU B 212 5.43 -0.29 19.31
CA GLU B 212 6.83 -0.72 19.26
C GLU B 212 7.00 -2.11 18.63
N SER B 213 5.99 -2.95 18.78
CA SER B 213 6.01 -4.29 18.17
C SER B 213 5.91 -4.26 16.64
N LEU B 214 5.60 -3.08 16.07
CA LEU B 214 5.63 -2.89 14.62
C LEU B 214 6.77 -1.96 14.17
N GLY B 215 7.69 -1.67 15.07
CA GLY B 215 8.83 -0.81 14.77
C GLY B 215 8.53 0.67 14.76
N GLY B 216 7.37 1.06 15.28
CA GLY B 216 7.02 2.47 15.44
C GLY B 216 7.53 3.00 16.77
N LYS B 217 7.59 4.31 16.91
CA LYS B 217 7.93 4.94 18.18
C LYS B 217 6.69 5.59 18.78
N PHE B 218 6.46 5.34 20.06
CA PHE B 218 5.32 5.93 20.77
C PHE B 218 5.72 7.31 21.29
N ILE B 219 4.82 8.28 21.13
CA ILE B 219 5.07 9.64 21.61
C ILE B 219 4.91 9.68 23.13
N THR B 220 6.02 9.92 23.82
CA THR B 220 6.06 9.98 25.28
C THR B 220 6.79 11.25 25.74
N VAL B 221 6.82 11.45 27.06
CA VAL B 221 7.46 12.64 27.63
C VAL B 221 8.98 12.47 27.64
N ARG B 244 -0.80 19.35 34.83
CA ARG B 244 0.22 18.46 34.32
C ARG B 244 -0.18 17.83 32.99
N LYS B 245 -1.43 18.03 32.58
CA LYS B 245 -2.01 17.30 31.43
C LYS B 245 -1.42 17.64 30.05
N LYS B 246 -0.42 18.52 30.01
CA LYS B 246 0.10 19.02 28.75
C LYS B 246 1.27 18.18 28.21
N GLN B 247 0.93 16.99 27.73
CA GLN B 247 1.82 16.21 26.85
C GLN B 247 1.43 16.43 25.39
N ALA B 248 0.51 17.38 25.17
CA ALA B 248 0.18 17.86 23.83
C ALA B 248 1.36 18.60 23.21
N GLU B 249 2.28 19.07 24.06
CA GLU B 249 3.53 19.66 23.61
C GLU B 249 4.37 18.64 22.82
N ALA B 250 4.47 17.44 23.37
CA ALA B 250 5.24 16.36 22.74
C ALA B 250 4.60 15.90 21.43
N VAL B 251 3.27 15.92 21.39
CA VAL B 251 2.53 15.59 20.18
C VAL B 251 2.79 16.63 19.09
N LEU B 252 2.75 17.91 19.48
CA LEU B 252 2.94 19.03 18.56
C LEU B 252 4.34 19.01 17.97
N LYS B 253 5.34 18.76 18.81
CA LYS B 253 6.75 18.69 18.38
C LYS B 253 6.96 17.71 17.23
N GLU B 254 6.25 16.59 17.26
CA GLU B 254 6.31 15.60 16.19
C GLU B 254 5.42 15.97 15.00
N LEU B 255 4.24 16.52 15.29
CA LEU B 255 3.29 16.90 14.24
C LEU B 255 3.85 17.96 13.29
N VAL B 256 4.68 18.86 13.81
CA VAL B 256 5.33 19.90 13.01
C VAL B 256 6.35 19.30 12.04
N LYS B 257 6.86 18.11 12.37
CA LYS B 257 7.81 17.38 11.51
C LYS B 257 7.13 16.34 10.63
N THR B 258 5.82 16.19 10.76
CA THR B 258 5.07 15.10 10.11
C THR B 258 4.61 15.45 8.70
N ASP B 259 4.79 14.49 7.77
CA ASP B 259 4.33 14.62 6.40
C ASP B 259 2.91 14.08 6.21
N ILE B 260 2.62 12.94 6.84
CA ILE B 260 1.29 12.33 6.77
C ILE B 260 0.78 12.01 8.17
N ALA B 261 -0.35 12.60 8.54
CA ALA B 261 -1.01 12.32 9.80
C ALA B 261 -2.26 11.50 9.54
N ILE B 262 -2.35 10.33 10.17
CA ILE B 262 -3.50 9.44 9.99
C ILE B 262 -4.24 9.35 11.32
N THR B 263 -5.49 9.81 11.33
CA THR B 263 -6.28 9.84 12.56
C THR B 263 -7.40 8.82 12.52
N THR B 264 -7.41 7.91 13.50
CA THR B 264 -8.31 6.75 13.51
C THR B 264 -9.18 6.65 14.77
N ALA B 265 -9.18 7.68 15.62
CA ALA B 265 -9.81 7.59 16.93
C ALA B 265 -11.32 7.80 16.88
N LEU B 266 -12.07 6.79 17.28
CA LEU B 266 -13.52 6.93 17.47
C LEU B 266 -14.00 6.29 18.78
N ILE B 267 -15.25 6.61 19.14
CA ILE B 267 -15.93 6.02 20.30
C ILE B 267 -17.40 5.82 19.90
N PRO B 268 -17.80 4.56 19.59
CA PRO B 268 -19.14 4.23 19.09
C PRO B 268 -20.31 4.97 19.78
N GLY B 269 -21.24 5.48 18.97
CA GLY B 269 -22.40 6.22 19.46
C GLY B 269 -22.12 7.64 19.91
N LYS B 270 -20.87 8.08 19.76
CA LYS B 270 -20.43 9.39 20.21
C LYS B 270 -19.62 10.05 19.08
N PRO B 271 -19.52 11.39 19.09
CA PRO B 271 -18.69 12.06 18.09
C PRO B 271 -17.20 11.80 18.30
N ALA B 272 -16.44 11.77 17.20
CA ALA B 272 -15.00 11.51 17.27
C ALA B 272 -14.28 12.62 18.04
N PRO B 273 -13.27 12.26 18.84
CA PRO B 273 -12.53 13.25 19.61
C PRO B 273 -11.63 14.11 18.70
N VAL B 274 -11.55 15.40 19.00
CA VAL B 274 -10.70 16.31 18.24
C VAL B 274 -9.25 16.13 18.69
N LEU B 275 -8.42 15.64 17.77
CA LEU B 275 -7.00 15.37 18.05
C LEU B 275 -6.06 16.30 17.29
N ILE B 276 -6.50 16.82 16.16
CA ILE B 276 -5.76 17.85 15.43
C ILE B 276 -6.68 19.04 15.21
N THR B 277 -6.48 20.10 15.99
CA THR B 277 -7.25 21.33 15.83
C THR B 277 -6.79 22.10 14.60
N GLU B 278 -7.55 23.14 14.23
CA GLU B 278 -7.17 24.01 13.13
C GLU B 278 -5.88 24.77 13.45
N GLU B 279 -5.71 25.17 14.70
CA GLU B 279 -4.48 25.80 15.16
C GLU B 279 -3.28 24.86 14.97
N MET B 280 -3.52 23.57 15.14
CA MET B 280 -2.48 22.57 14.94
C MET B 280 -2.12 22.38 13.45
N VAL B 281 -3.09 22.49 12.55
CA VAL B 281 -2.80 22.32 11.11
C VAL B 281 -2.03 23.51 10.53
N THR B 282 -2.22 24.70 11.11
CA THR B 282 -1.48 25.89 10.67
C THR B 282 0.02 25.75 10.95
N LYS B 283 0.38 24.95 11.95
CA LYS B 283 1.77 24.72 12.32
C LYS B 283 2.43 23.56 11.57
N MET B 284 1.67 22.87 10.71
CA MET B 284 2.23 21.81 9.87
C MET B 284 2.91 22.39 8.65
N LYS B 285 3.82 21.63 8.05
CA LYS B 285 4.56 22.10 6.87
C LYS B 285 3.69 21.93 5.61
N PRO B 286 3.90 22.79 4.60
CA PRO B 286 3.12 22.68 3.36
C PRO B 286 3.45 21.40 2.60
N GLY B 287 2.47 20.86 1.90
CA GLY B 287 2.60 19.56 1.24
C GLY B 287 2.20 18.40 2.14
N SER B 288 2.02 18.68 3.44
CA SER B 288 1.57 17.67 4.39
C SER B 288 0.12 17.27 4.11
N VAL B 289 -0.23 16.05 4.50
CA VAL B 289 -1.60 15.55 4.34
C VAL B 289 -2.09 14.89 5.63
N ILE B 290 -3.38 15.09 5.91
CA ILE B 290 -4.05 14.42 7.01
C ILE B 290 -5.09 13.46 6.42
N ILE B 291 -5.03 12.19 6.81
CA ILE B 291 -6.08 11.23 6.49
C ILE B 291 -6.96 11.06 7.73
N ASP B 292 -8.18 11.57 7.67
CA ASP B 292 -9.11 11.50 8.79
C ASP B 292 -10.07 10.32 8.61
N LEU B 293 -9.71 9.17 9.18
CA LEU B 293 -10.54 7.97 9.09
C LEU B 293 -11.78 8.04 9.98
N ALA B 294 -11.84 9.05 10.86
CA ALA B 294 -12.98 9.24 11.76
C ALA B 294 -13.96 10.30 11.24
N VAL B 295 -13.87 10.64 9.96
CA VAL B 295 -14.63 11.73 9.37
C VAL B 295 -16.16 11.53 9.40
N GLU B 296 -16.61 10.27 9.34
CA GLU B 296 -18.05 9.98 9.36
C GLU B 296 -18.67 10.22 10.73
N ALA B 297 -17.84 10.22 11.78
CA ALA B 297 -18.30 10.51 13.14
C ALA B 297 -17.93 11.92 13.59
N GLY B 298 -17.67 12.82 12.63
CA GLY B 298 -17.33 14.21 12.94
C GLY B 298 -15.86 14.54 12.77
N GLY B 299 -15.02 13.52 12.66
CA GLY B 299 -13.60 13.71 12.37
C GLY B 299 -12.74 13.97 13.61
N ASN B 300 -11.49 13.53 13.54
CA ASN B 300 -10.50 13.89 14.55
C ASN B 300 -9.90 15.26 14.24
N CYS B 301 -10.15 15.74 13.02
CA CYS B 301 -9.80 17.09 12.60
C CYS B 301 -11.09 17.78 12.13
N PRO B 302 -11.42 18.95 12.70
CA PRO B 302 -12.67 19.64 12.33
C PRO B 302 -12.70 20.19 10.91
N LEU B 303 -11.55 20.35 10.27
CA LEU B 303 -11.48 20.82 8.89
C LEU B 303 -11.82 19.75 7.85
N SER B 304 -11.85 18.48 8.26
CA SER B 304 -12.21 17.40 7.34
C SER B 304 -13.69 17.47 6.95
N GLU B 305 -13.99 17.07 5.72
CA GLU B 305 -15.36 17.05 5.21
C GLU B 305 -15.64 15.72 4.51
N PRO B 306 -16.76 15.06 4.87
CA PRO B 306 -17.13 13.77 4.28
C PRO B 306 -17.01 13.73 2.76
N GLY B 307 -16.28 12.74 2.25
CA GLY B 307 -16.17 12.51 0.82
C GLY B 307 -15.38 13.53 0.03
N LYS B 308 -14.62 14.38 0.72
CA LYS B 308 -13.88 15.47 0.08
C LYS B 308 -12.40 15.51 0.46
N ILE B 309 -11.61 16.10 -0.43
CA ILE B 309 -10.24 16.54 -0.12
C ILE B 309 -10.23 18.07 -0.08
N VAL B 310 -10.12 18.64 1.11
CA VAL B 310 -10.02 20.09 1.26
C VAL B 310 -8.57 20.52 1.54
N VAL B 311 -8.19 21.67 1.01
CA VAL B 311 -6.86 22.23 1.25
C VAL B 311 -7.00 23.47 2.12
N LYS B 312 -6.39 23.45 3.29
CA LYS B 312 -6.34 24.62 4.15
C LYS B 312 -4.96 24.77 4.79
N HIS B 313 -4.43 25.99 4.72
CA HIS B 313 -3.11 26.32 5.24
C HIS B 313 -2.01 25.47 4.61
N GLY B 314 -2.17 25.20 3.31
CA GLY B 314 -1.22 24.37 2.56
C GLY B 314 -1.24 22.89 2.91
N VAL B 315 -2.29 22.43 3.57
CA VAL B 315 -2.40 21.05 4.04
C VAL B 315 -3.63 20.41 3.42
N LYS B 316 -3.46 19.26 2.75
CA LYS B 316 -4.57 18.47 2.25
C LYS B 316 -5.19 17.72 3.42
N ILE B 317 -6.49 17.92 3.64
CA ILE B 317 -7.21 17.16 4.65
C ILE B 317 -8.18 16.22 3.94
N VAL B 318 -7.83 14.94 3.92
CA VAL B 318 -8.53 13.93 3.14
C VAL B 318 -9.54 13.23 4.04
N GLY B 319 -10.79 13.15 3.59
CA GLY B 319 -11.87 12.59 4.38
C GLY B 319 -12.83 11.74 3.55
N HIS B 320 -12.30 10.67 2.97
CA HIS B 320 -13.12 9.72 2.21
C HIS B 320 -14.08 8.97 3.13
N THR B 321 -15.28 8.72 2.60
CA THR B 321 -16.27 7.90 3.29
C THR B 321 -16.07 6.44 2.91
N ASN B 322 -16.50 5.54 3.79
CA ASN B 322 -16.56 4.12 3.48
C ASN B 322 -15.22 3.60 2.96
N VAL B 323 -14.19 3.74 3.80
CA VAL B 323 -12.83 3.38 3.38
C VAL B 323 -12.69 1.87 3.09
N PRO B 324 -13.39 1.01 3.86
CA PRO B 324 -13.38 -0.42 3.51
C PRO B 324 -13.84 -0.71 2.08
N SER B 325 -14.77 0.09 1.56
CA SER B 325 -15.25 -0.07 0.19
C SER B 325 -14.20 0.35 -0.84
N ARG B 326 -13.21 1.13 -0.43
CA ARG B 326 -12.07 1.44 -1.29
C ARG B 326 -11.15 0.22 -1.45
N VAL B 327 -11.36 -0.80 -0.62
CA VAL B 327 -10.71 -2.11 -0.75
C VAL B 327 -11.78 -3.21 -0.87
N ALA B 328 -12.80 -2.94 -1.68
CA ALA B 328 -13.99 -3.78 -1.76
C ALA B 328 -13.73 -5.24 -2.14
N ALA B 329 -12.74 -5.47 -3.00
CA ALA B 329 -12.44 -6.82 -3.50
C ALA B 329 -11.81 -7.76 -2.47
N ASP B 330 -11.09 -7.21 -1.49
CA ASP B 330 -10.59 -8.00 -0.35
C ASP B 330 -11.55 -7.92 0.84
N ALA B 331 -12.29 -6.82 0.95
CA ALA B 331 -13.21 -6.62 2.07
C ALA B 331 -14.42 -7.55 1.98
N SER B 332 -14.89 -7.81 0.76
CA SER B 332 -16.09 -8.63 0.54
C SER B 332 -15.91 -10.12 0.89
N PRO B 333 -14.83 -10.77 0.41
CA PRO B 333 -14.55 -12.13 0.89
C PRO B 333 -14.47 -12.26 2.42
N LEU B 334 -13.88 -11.27 3.08
CA LEU B 334 -13.71 -11.30 4.53
C LEU B 334 -15.04 -11.10 5.26
N PHE B 335 -15.85 -10.17 4.77
CA PHE B 335 -17.17 -9.89 5.33
C PHE B 335 -18.08 -11.13 5.20
N ALA B 336 -18.08 -11.74 4.03
CA ALA B 336 -18.87 -12.94 3.78
C ALA B 336 -18.42 -14.12 4.65
N LYS B 337 -17.12 -14.21 4.93
CA LYS B 337 -16.59 -15.24 5.82
C LYS B 337 -17.02 -14.99 7.27
N ASN B 338 -17.01 -13.72 7.69
CA ASN B 338 -17.55 -13.34 9.00
C ASN B 338 -19.01 -13.77 9.14
N LEU B 339 -19.78 -13.50 8.09
CA LEU B 339 -21.19 -13.92 8.02
C LEU B 339 -21.31 -15.45 8.11
N LEU B 340 -20.46 -16.15 7.37
CA LEU B 340 -20.47 -17.63 7.33
C LEU B 340 -20.07 -18.23 8.67
N ASN B 341 -19.02 -17.69 9.28
CA ASN B 341 -18.56 -18.18 10.59
C ASN B 341 -19.62 -17.97 11.67
N PHE B 342 -20.43 -16.92 11.53
CA PHE B 342 -21.52 -16.65 12.47
C PHE B 342 -22.70 -17.61 12.27
N LEU B 343 -23.02 -17.90 11.02
CA LEU B 343 -24.21 -18.71 10.70
C LEU B 343 -23.99 -20.22 10.84
N THR B 344 -22.79 -20.68 10.51
CA THR B 344 -22.50 -22.12 10.37
C THR B 344 -22.86 -23.01 11.58
N PRO B 345 -22.51 -22.57 12.81
CA PRO B 345 -22.83 -23.40 13.98
C PRO B 345 -24.32 -23.70 14.20
N HIS B 346 -25.19 -22.92 13.57
CA HIS B 346 -26.63 -23.02 13.79
C HIS B 346 -27.38 -23.78 12.69
N VAL B 347 -26.66 -24.25 11.68
CA VAL B 347 -27.24 -25.07 10.63
C VAL B 347 -27.21 -26.52 11.06
N ASP B 348 -28.39 -27.13 11.22
CA ASP B 348 -28.49 -28.56 11.44
C ASP B 348 -29.06 -29.17 10.16
N LYS B 349 -28.24 -29.97 9.47
CA LYS B 349 -28.65 -30.60 8.21
C LYS B 349 -29.70 -31.70 8.49
N ASP B 350 -29.61 -32.34 9.66
CA ASP B 350 -30.59 -33.36 10.08
C ASP B 350 -32.02 -33.02 9.66
N THR B 351 -32.36 -31.72 9.70
CA THR B 351 -33.56 -31.20 9.05
C THR B 351 -33.22 -29.83 8.47
N LYS B 352 -33.01 -29.78 7.15
CA LYS B 352 -32.44 -28.60 6.47
C LYS B 352 -33.04 -27.27 6.94
N THR B 353 -32.57 -26.80 8.10
CA THR B 353 -33.06 -25.56 8.71
C THR B 353 -31.95 -24.90 9.52
N LEU B 354 -32.17 -23.64 9.88
CA LEU B 354 -31.29 -22.95 10.82
C LEU B 354 -32.06 -22.69 12.12
N VAL B 355 -31.47 -23.10 13.23
CA VAL B 355 -32.02 -22.82 14.55
C VAL B 355 -30.97 -22.07 15.34
N MET B 356 -31.20 -20.76 15.51
CA MET B 356 -30.25 -19.91 16.19
C MET B 356 -30.41 -20.08 17.70
N LYS B 357 -29.47 -20.79 18.32
CA LYS B 357 -29.54 -21.08 19.76
C LYS B 357 -29.45 -19.80 20.59
N LEU B 358 -30.43 -19.61 21.46
CA LEU B 358 -30.58 -18.36 22.21
C LEU B 358 -29.56 -18.23 23.33
N GLU B 359 -29.18 -19.35 23.93
CA GLU B 359 -28.14 -19.37 24.97
C GLU B 359 -26.75 -19.01 24.44
N ASP B 360 -26.58 -19.09 23.12
CA ASP B 360 -25.34 -18.65 22.46
C ASP B 360 -25.18 -17.13 22.61
N GLU B 361 -24.06 -16.70 23.17
CA GLU B 361 -23.80 -15.28 23.44
C GLU B 361 -23.70 -14.47 22.15
N THR B 362 -23.25 -15.11 21.07
CA THR B 362 -23.14 -14.46 19.78
C THR B 362 -24.51 -14.16 19.17
N VAL B 363 -25.50 -14.99 19.50
CA VAL B 363 -26.88 -14.82 19.02
C VAL B 363 -27.62 -13.77 19.85
N SER B 364 -27.52 -13.85 21.17
CA SER B 364 -28.24 -12.95 22.05
C SER B 364 -27.68 -11.53 22.00
N GLY B 365 -26.36 -11.40 21.92
CA GLY B 365 -25.70 -10.09 21.87
C GLY B 365 -25.91 -9.35 20.56
N THR B 366 -26.26 -10.09 19.51
CA THR B 366 -26.34 -9.53 18.17
C THR B 366 -27.79 -9.41 17.64
N CYS B 367 -28.71 -10.22 18.17
CA CYS B 367 -30.11 -10.16 17.74
C CYS B 367 -30.78 -8.89 18.24
N VAL B 368 -31.37 -8.15 17.31
CA VAL B 368 -31.97 -6.85 17.59
C VAL B 368 -33.50 -6.93 17.64
N THR B 369 -34.09 -7.72 16.74
CA THR B 369 -35.52 -7.98 16.74
C THR B 369 -35.76 -9.42 16.30
N ARG B 370 -36.89 -9.99 16.71
CA ARG B 370 -37.22 -11.38 16.40
C ARG B 370 -38.74 -11.61 16.39
N ASP B 371 -39.24 -12.15 15.28
CA ASP B 371 -40.63 -12.59 15.16
C ASP B 371 -41.66 -11.50 15.49
N GLY B 372 -41.33 -10.25 15.16
CA GLY B 372 -42.25 -9.13 15.32
C GLY B 372 -42.12 -8.35 16.63
N ALA B 373 -40.98 -8.45 17.29
CA ALA B 373 -40.72 -7.68 18.51
C ALA B 373 -39.23 -7.41 18.70
N ILE B 374 -38.92 -6.19 19.15
CA ILE B 374 -37.54 -5.80 19.46
C ILE B 374 -37.10 -6.52 20.74
N VAL B 375 -35.88 -7.06 20.72
CA VAL B 375 -35.38 -7.91 21.81
C VAL B 375 -34.07 -7.44 22.45
N HIS B 376 -33.34 -6.54 21.79
CA HIS B 376 -32.08 -6.05 22.34
C HIS B 376 -32.34 -5.01 23.42
N PRO B 377 -31.74 -5.17 24.62
CA PRO B 377 -31.99 -4.30 25.77
C PRO B 377 -31.90 -2.80 25.48
N ALA B 378 -30.96 -2.41 24.61
CA ALA B 378 -30.71 -1.00 24.30
C ALA B 378 -31.81 -0.36 23.44
N LEU B 379 -32.63 -1.16 22.78
CA LEU B 379 -33.63 -0.66 21.84
C LEU B 379 -35.09 -0.78 22.31
N THR B 380 -35.35 -1.65 23.29
CA THR B 380 -36.72 -1.88 23.77
C THR B 380 -37.28 -0.65 24.50
N GLY B 381 -38.57 -0.38 24.29
CA GLY B 381 -39.22 0.80 24.84
C GLY B 381 -39.38 0.75 26.35
N SER C 30 6.87 -26.29 39.17
CA SER C 30 6.43 -27.51 38.40
C SER C 30 6.75 -27.46 36.90
N VAL C 31 7.57 -26.51 36.47
CA VAL C 31 7.82 -26.26 35.05
C VAL C 31 9.23 -26.69 34.69
N LYS C 32 9.38 -27.43 33.59
CA LYS C 32 10.68 -27.87 33.12
C LYS C 32 11.35 -26.73 32.34
N ALA C 33 12.15 -25.94 33.05
CA ALA C 33 12.85 -24.80 32.45
C ALA C 33 14.03 -25.27 31.59
N GLY C 34 14.57 -24.37 30.78
CA GLY C 34 15.64 -24.69 29.85
C GLY C 34 16.43 -23.48 29.40
N SER C 35 17.58 -23.73 28.77
CA SER C 35 18.50 -22.67 28.35
C SER C 35 18.84 -22.77 26.86
N ALA C 36 19.61 -21.82 26.38
CA ALA C 36 19.98 -21.72 24.95
C ALA C 36 20.72 -22.96 24.43
N GLU C 37 21.61 -23.51 25.25
CA GLU C 37 22.40 -24.67 24.86
C GLU C 37 21.49 -25.90 24.71
N ASP C 38 20.64 -26.11 25.72
CA ASP C 38 19.68 -27.22 25.73
C ASP C 38 18.78 -27.20 24.49
N ALA C 39 18.27 -26.01 24.17
CA ALA C 39 17.35 -25.83 23.05
C ALA C 39 18.01 -26.04 21.68
N ALA C 40 19.31 -25.75 21.60
CA ALA C 40 20.05 -25.87 20.34
C ALA C 40 20.33 -27.33 19.93
N PHE C 41 20.53 -28.21 20.91
CA PHE C 41 20.67 -29.64 20.63
C PHE C 41 19.38 -30.20 20.04
N ILE C 42 18.27 -29.83 20.68
CA ILE C 42 16.95 -30.36 20.36
C ILE C 42 16.54 -30.11 18.91
N MET C 43 16.81 -28.91 18.40
CA MET C 43 16.41 -28.53 17.04
C MET C 43 17.38 -29.01 15.96
N LYS C 44 18.67 -29.00 16.26
CA LYS C 44 19.69 -29.51 15.32
C LYS C 44 19.53 -31.00 15.03
N ASN C 45 19.07 -31.76 16.02
CA ASN C 45 18.74 -33.17 15.84
C ASN C 45 17.26 -33.38 15.56
N ALA C 46 16.71 -32.60 14.62
CA ALA C 46 15.33 -32.72 14.20
C ALA C 46 15.28 -32.89 12.67
N SER C 47 14.44 -33.80 12.21
CA SER C 47 14.14 -33.92 10.79
C SER C 47 13.19 -32.81 10.34
N LYS C 48 12.38 -32.30 11.28
CA LYS C 48 11.36 -31.30 10.96
C LYS C 48 11.06 -30.39 12.16
N VAL C 49 11.02 -29.08 11.90
CA VAL C 49 10.79 -28.06 12.93
C VAL C 49 9.73 -27.07 12.44
N ILE C 50 8.67 -26.89 13.24
CA ILE C 50 7.63 -25.91 12.92
C ILE C 50 7.73 -24.71 13.87
N ILE C 51 8.04 -23.55 13.30
CA ILE C 51 8.16 -22.31 14.06
C ILE C 51 6.78 -21.68 14.26
N VAL C 52 6.44 -21.36 15.50
CA VAL C 52 5.14 -20.79 15.85
C VAL C 52 5.35 -19.39 16.44
N PRO C 53 5.37 -18.36 15.58
CA PRO C 53 5.54 -16.98 16.04
C PRO C 53 4.29 -16.37 16.67
N GLY C 54 4.49 -15.50 17.67
CA GLY C 54 3.39 -14.80 18.34
C GLY C 54 3.77 -13.39 18.75
N TYR C 55 2.85 -12.72 19.45
CA TYR C 55 3.01 -11.32 19.88
C TYR C 55 4.39 -11.00 20.48
N GLY C 56 4.84 -11.87 21.39
CA GLY C 56 6.15 -11.69 22.03
C GLY C 56 7.31 -11.60 21.05
N MET C 57 7.17 -12.28 19.91
CA MET C 57 8.15 -12.20 18.82
C MET C 57 8.18 -10.80 18.23
N ALA C 58 7.00 -10.19 18.09
CA ALA C 58 6.87 -8.82 17.61
C ALA C 58 7.38 -7.82 18.64
N VAL C 59 7.02 -8.02 19.91
CA VAL C 59 7.49 -7.14 21.00
C VAL C 59 9.02 -7.10 21.05
N ALA C 60 9.64 -8.26 20.91
CA ALA C 60 11.11 -8.35 20.93
C ALA C 60 11.73 -7.97 19.58
N GLN C 61 10.93 -7.91 18.52
CA GLN C 61 11.42 -7.70 17.16
C GLN C 61 12.48 -8.73 16.81
N ALA C 62 12.11 -10.00 16.94
CA ALA C 62 13.05 -11.13 16.87
C ALA C 62 13.03 -11.88 15.54
N GLN C 63 12.40 -11.29 14.51
CA GLN C 63 12.12 -12.03 13.27
C GLN C 63 13.36 -12.20 12.40
N HIS C 64 14.28 -11.25 12.49
CA HIS C 64 15.52 -11.31 11.75
C HIS C 64 16.37 -12.45 12.27
N ALA C 65 16.53 -12.50 13.60
CA ALA C 65 17.26 -13.57 14.27
C ALA C 65 16.53 -14.91 14.21
N LEU C 66 15.20 -14.86 14.05
CA LEU C 66 14.39 -16.07 13.88
C LEU C 66 14.62 -16.71 12.52
N ARG C 67 14.54 -15.89 11.47
CA ARG C 67 14.81 -16.36 10.11
C ARG C 67 16.27 -16.74 9.96
N GLU C 68 17.12 -16.14 10.80
CA GLU C 68 18.53 -16.50 10.89
C GLU C 68 18.64 -17.95 11.36
N MET C 69 17.92 -18.28 12.43
CA MET C 69 17.89 -19.63 12.97
C MET C 69 17.35 -20.64 11.95
N ALA C 70 16.39 -20.21 11.14
CA ALA C 70 15.81 -21.07 10.09
C ALA C 70 16.81 -21.36 8.96
N ASP C 71 17.64 -20.36 8.64
CA ASP C 71 18.67 -20.53 7.61
C ASP C 71 19.70 -21.58 8.01
N VAL C 72 20.05 -21.59 9.30
CA VAL C 72 21.02 -22.54 9.84
C VAL C 72 20.41 -23.94 9.94
N LEU C 73 19.13 -24.00 10.32
CA LEU C 73 18.38 -25.27 10.34
C LEU C 73 18.24 -25.85 8.94
N LYS C 74 17.81 -25.02 7.99
CA LYS C 74 17.64 -25.46 6.60
C LYS C 74 18.95 -25.87 5.93
N LYS C 75 20.06 -25.26 6.35
CA LYS C 75 21.39 -25.59 5.82
C LYS C 75 21.85 -27.00 6.22
N GLU C 76 21.40 -27.47 7.37
CA GLU C 76 21.71 -28.83 7.84
C GLU C 76 20.89 -29.90 7.12
N GLY C 77 19.85 -29.48 6.39
CA GLY C 77 18.96 -30.40 5.68
C GLY C 77 17.62 -30.60 6.36
N VAL C 78 17.37 -29.83 7.42
CA VAL C 78 16.13 -29.91 8.19
C VAL C 78 15.02 -29.17 7.45
N GLU C 79 13.78 -29.63 7.61
CA GLU C 79 12.62 -28.99 6.99
C GLU C 79 12.04 -27.96 7.96
N VAL C 80 11.92 -26.72 7.47
CA VAL C 80 11.44 -25.61 8.30
C VAL C 80 10.16 -25.02 7.72
N SER C 81 9.17 -24.79 8.59
CA SER C 81 7.95 -24.10 8.22
C SER C 81 7.51 -23.18 9.36
N TYR C 82 6.56 -22.29 9.05
CA TYR C 82 6.01 -21.36 10.02
C TYR C 82 4.51 -21.58 10.12
N ALA C 83 4.00 -21.69 11.34
CA ALA C 83 2.56 -21.86 11.59
C ALA C 83 1.98 -20.55 12.10
N ILE C 84 1.19 -19.90 11.27
CA ILE C 84 0.60 -18.60 11.60
C ILE C 84 -0.86 -18.77 12.01
N HIS C 85 -1.15 -18.53 13.28
CA HIS C 85 -2.51 -18.52 13.78
C HIS C 85 -3.18 -17.23 13.28
N PRO C 86 -4.46 -17.32 12.87
CA PRO C 86 -5.14 -16.14 12.33
C PRO C 86 -5.16 -14.91 13.25
N VAL C 87 -5.02 -15.10 14.56
CA VAL C 87 -4.98 -13.98 15.50
C VAL C 87 -3.72 -13.94 16.36
N ALA C 88 -2.58 -14.37 15.79
CA ALA C 88 -1.30 -14.20 16.44
C ALA C 88 -0.94 -12.71 16.45
N GLY C 89 -0.30 -12.25 17.52
CA GLY C 89 0.03 -10.84 17.67
C GLY C 89 -1.15 -10.04 18.20
N ARG C 90 -1.23 -8.78 17.78
CA ARG C 90 -2.31 -7.87 18.19
C ARG C 90 -3.04 -7.21 17.01
N MET C 91 -2.71 -7.61 15.78
CA MET C 91 -3.43 -7.13 14.61
C MET C 91 -3.44 -8.22 13.53
N PRO C 92 -4.41 -8.15 12.60
CA PRO C 92 -4.39 -9.06 11.45
C PRO C 92 -3.12 -8.90 10.61
N GLY C 93 -2.48 -10.02 10.26
CA GLY C 93 -1.22 -10.00 9.53
C GLY C 93 -0.03 -9.48 10.31
N HIS C 94 -0.11 -9.54 11.64
CA HIS C 94 0.97 -9.04 12.50
C HIS C 94 2.25 -9.82 12.27
N MET C 95 2.13 -11.14 12.28
CA MET C 95 3.30 -11.99 12.05
C MET C 95 3.79 -11.88 10.60
N ASN C 96 2.86 -11.70 9.67
CA ASN C 96 3.20 -11.66 8.24
C ASN C 96 4.14 -10.52 7.86
N VAL C 97 3.82 -9.30 8.31
CA VAL C 97 4.63 -8.12 7.96
C VAL C 97 6.05 -8.19 8.55
N LEU C 98 6.17 -8.75 9.74
CA LEU C 98 7.47 -8.85 10.41
C LEU C 98 8.32 -9.95 9.79
N LEU C 99 7.69 -11.08 9.46
CA LEU C 99 8.35 -12.16 8.73
C LEU C 99 8.79 -11.71 7.34
N ALA C 100 7.94 -10.93 6.66
CA ALA C 100 8.28 -10.36 5.35
C ALA C 100 9.44 -9.37 5.44
N GLU C 101 9.51 -8.62 6.54
CA GLU C 101 10.61 -7.70 6.80
C GLU C 101 11.93 -8.45 7.00
N ALA C 102 11.86 -9.58 7.69
CA ALA C 102 13.01 -10.46 7.88
C ALA C 102 13.31 -11.34 6.65
N ASN C 103 12.49 -11.19 5.60
CA ASN C 103 12.74 -11.81 4.31
C ASN C 103 12.52 -13.33 4.30
N VAL C 104 11.60 -13.82 5.14
CA VAL C 104 11.25 -15.24 5.09
C VAL C 104 10.30 -15.44 3.90
N PRO C 105 10.60 -16.43 3.03
CA PRO C 105 9.81 -16.62 1.82
C PRO C 105 8.39 -17.12 2.10
N TYR C 106 7.44 -16.68 1.29
CA TYR C 106 6.02 -17.03 1.48
C TYR C 106 5.79 -18.55 1.47
N ASP C 107 6.50 -19.27 0.61
CA ASP C 107 6.35 -20.72 0.49
C ASP C 107 6.59 -21.51 1.80
N GLU C 108 7.25 -20.87 2.78
CA GLU C 108 7.48 -21.48 4.08
C GLU C 108 6.43 -21.11 5.13
N VAL C 109 5.58 -20.14 4.82
CA VAL C 109 4.59 -19.64 5.78
C VAL C 109 3.22 -20.27 5.49
N PHE C 110 2.59 -20.79 6.55
CA PHE C 110 1.33 -21.51 6.41
C PHE C 110 0.27 -21.02 7.41
N GLU C 111 -0.98 -21.05 6.98
CA GLU C 111 -2.11 -20.68 7.84
C GLU C 111 -2.53 -21.89 8.69
N LEU C 112 -3.24 -21.63 9.78
CA LEU C 112 -3.61 -22.68 10.75
C LEU C 112 -4.17 -23.93 10.08
N GLU C 113 -5.13 -23.74 9.17
CA GLU C 113 -5.89 -24.87 8.62
C GLU C 113 -5.10 -25.78 7.68
N GLU C 114 -4.01 -25.29 7.09
CA GLU C 114 -3.20 -26.12 6.20
C GLU C 114 -1.94 -26.71 6.87
N ILE C 115 -1.65 -26.31 8.10
CA ILE C 115 -0.44 -26.79 8.81
C ILE C 115 -0.71 -27.57 10.11
N ASN C 116 -1.93 -27.51 10.63
CA ASN C 116 -2.27 -28.17 11.91
C ASN C 116 -2.02 -29.69 11.96
N SER C 117 -2.24 -30.36 10.83
CA SER C 117 -2.02 -31.82 10.76
C SER C 117 -0.54 -32.19 10.74
N SER C 118 0.32 -31.24 10.37
CA SER C 118 1.76 -31.49 10.27
C SER C 118 2.48 -31.58 11.62
N PHE C 119 1.84 -31.09 12.69
CA PHE C 119 2.42 -31.13 14.03
C PHE C 119 2.68 -32.57 14.52
N GLN C 120 1.91 -33.53 14.02
CA GLN C 120 2.15 -34.95 14.28
C GLN C 120 3.51 -35.40 13.76
N THR C 121 3.88 -34.90 12.58
CA THR C 121 5.14 -35.27 11.93
C THR C 121 6.31 -34.41 12.39
N ALA C 122 6.05 -33.46 13.28
CA ALA C 122 7.07 -32.51 13.73
C ALA C 122 7.82 -33.04 14.96
N ASP C 123 9.14 -33.01 14.89
CA ASP C 123 9.97 -33.38 16.03
C ASP C 123 9.90 -32.29 17.11
N VAL C 124 9.90 -31.03 16.67
CA VAL C 124 9.79 -29.90 17.60
C VAL C 124 8.83 -28.82 17.08
N ALA C 125 8.07 -28.23 18.00
CA ALA C 125 7.32 -27.02 17.73
C ALA C 125 8.03 -25.87 18.45
N PHE C 126 8.63 -24.98 17.67
CA PHE C 126 9.39 -23.85 18.22
C PHE C 126 8.46 -22.65 18.40
N VAL C 127 7.85 -22.57 19.58
CA VAL C 127 6.90 -21.51 19.89
C VAL C 127 7.64 -20.28 20.39
N ILE C 128 7.65 -19.23 19.57
CA ILE C 128 8.41 -18.01 19.89
C ILE C 128 7.47 -16.82 20.10
N GLY C 129 7.21 -16.51 21.37
CA GLY C 129 6.36 -15.39 21.74
C GLY C 129 4.86 -15.62 21.60
N ALA C 130 4.45 -16.86 21.34
CA ALA C 130 3.03 -17.21 21.31
C ALA C 130 2.64 -17.93 22.59
N ASN C 131 1.33 -17.98 22.86
CA ASN C 131 0.81 -18.58 24.10
C ASN C 131 -0.66 -18.97 23.96
N ASP C 132 -1.56 -17.99 23.97
CA ASP C 132 -3.01 -18.25 23.79
C ASP C 132 -3.27 -19.08 22.53
N VAL C 133 -2.53 -18.75 21.49
CA VAL C 133 -2.59 -19.42 20.19
C VAL C 133 -2.35 -20.94 20.24
N THR C 134 -1.67 -21.42 21.28
CA THR C 134 -1.32 -22.84 21.43
C THR C 134 -2.10 -23.55 22.54
N ASN C 135 -2.87 -22.80 23.31
CA ASN C 135 -3.45 -23.27 24.57
C ASN C 135 -4.61 -24.25 24.35
N PRO C 136 -4.47 -25.51 24.86
CA PRO C 136 -5.48 -26.55 24.62
C PRO C 136 -6.78 -26.39 25.45
N ALA C 137 -6.80 -25.47 26.40
CA ALA C 137 -8.02 -25.14 27.15
C ALA C 137 -9.11 -24.58 26.24
N ALA C 138 -8.72 -24.13 25.05
CA ALA C 138 -9.65 -23.65 24.03
C ALA C 138 -10.63 -24.71 23.56
N LYS C 139 -10.27 -25.99 23.67
CA LYS C 139 -11.20 -27.08 23.35
C LYS C 139 -11.47 -28.05 24.51
N THR C 140 -10.86 -27.81 25.67
CA THR C 140 -11.07 -28.65 26.84
C THR C 140 -12.00 -27.98 27.84
N ASP C 141 -11.62 -26.80 28.31
CA ASP C 141 -12.33 -26.08 29.38
C ASP C 141 -13.45 -25.21 28.80
N PRO C 142 -14.73 -25.58 29.05
CA PRO C 142 -15.85 -24.78 28.52
C PRO C 142 -15.99 -23.39 29.16
N SER C 143 -15.52 -23.24 30.40
CA SER C 143 -15.61 -21.96 31.12
C SER C 143 -14.44 -21.02 30.82
N SER C 144 -13.50 -21.47 29.98
CA SER C 144 -12.34 -20.67 29.60
C SER C 144 -12.73 -19.50 28.67
N PRO C 145 -12.03 -18.36 28.78
CA PRO C 145 -12.27 -17.24 27.86
C PRO C 145 -11.92 -17.54 26.40
N ILE C 146 -10.99 -18.46 26.16
CA ILE C 146 -10.57 -18.83 24.81
C ILE C 146 -11.28 -20.07 24.27
N TYR C 147 -12.35 -20.51 24.95
CA TYR C 147 -13.08 -21.71 24.53
C TYR C 147 -13.77 -21.49 23.18
N GLY C 148 -13.53 -22.39 22.25
CA GLY C 148 -14.14 -22.32 20.91
C GLY C 148 -13.21 -21.76 19.85
N MET C 149 -12.19 -21.02 20.28
CA MET C 149 -11.18 -20.49 19.36
C MET C 149 -10.29 -21.64 18.89
N PRO C 150 -10.24 -21.88 17.56
CA PRO C 150 -9.31 -22.90 17.08
C PRO C 150 -7.85 -22.54 17.38
N ILE C 151 -7.05 -23.53 17.75
CA ILE C 151 -5.66 -23.31 18.14
C ILE C 151 -4.73 -24.14 17.27
N LEU C 152 -3.44 -23.80 17.33
CA LEU C 152 -2.41 -24.61 16.70
C LEU C 152 -2.09 -25.78 17.62
N ASP C 153 -2.12 -26.99 17.07
CA ASP C 153 -1.92 -28.21 17.87
C ASP C 153 -0.45 -28.51 18.08
N VAL C 154 0.25 -27.64 18.80
CA VAL C 154 1.69 -27.77 19.00
C VAL C 154 2.06 -28.97 19.89
N GLU C 155 1.12 -29.42 20.72
CA GLU C 155 1.35 -30.54 21.64
C GLU C 155 1.56 -31.89 20.92
N LYS C 156 1.11 -31.99 19.68
CA LYS C 156 1.29 -33.20 18.87
C LYS C 156 2.76 -33.45 18.48
N ALA C 157 3.60 -32.43 18.59
CA ALA C 157 5.03 -32.56 18.29
C ALA C 157 5.77 -33.33 19.38
N GLY C 158 6.92 -33.90 19.02
CA GLY C 158 7.76 -34.62 19.96
C GLY C 158 8.08 -33.77 21.18
N THR C 159 8.47 -32.52 20.94
CA THR C 159 8.71 -31.57 22.02
C THR C 159 8.25 -30.16 21.65
N VAL C 160 7.84 -29.41 22.67
CA VAL C 160 7.42 -28.01 22.50
C VAL C 160 8.42 -27.10 23.21
N LEU C 161 8.89 -26.07 22.50
CA LEU C 161 9.80 -25.07 23.06
C LEU C 161 9.08 -23.72 23.12
N PHE C 162 8.83 -23.22 24.33
CA PHE C 162 8.18 -21.90 24.53
C PHE C 162 9.24 -20.85 24.84
N ILE C 163 9.29 -19.78 24.05
CA ILE C 163 10.14 -18.63 24.35
C ILE C 163 9.28 -17.48 24.89
N LYS C 164 9.50 -17.14 26.15
CA LYS C 164 8.87 -15.98 26.78
C LYS C 164 9.61 -15.60 28.06
N ARG C 165 9.46 -14.36 28.49
CA ARG C 165 10.27 -13.82 29.59
C ARG C 165 9.96 -14.47 30.95
N SER C 166 8.69 -14.66 31.25
CA SER C 166 8.26 -15.12 32.56
C SER C 166 7.21 -16.23 32.44
N MET C 167 6.54 -16.56 33.55
CA MET C 167 5.39 -17.46 33.54
C MET C 167 4.07 -16.70 33.40
N ALA C 168 4.15 -15.42 33.03
CA ALA C 168 2.96 -14.59 32.90
C ALA C 168 2.08 -15.08 31.75
N SER C 169 0.78 -14.84 31.88
CA SER C 169 -0.19 -15.28 30.88
C SER C 169 -0.10 -14.42 29.61
N GLY C 170 -0.93 -14.77 28.62
CA GLY C 170 -1.05 -13.98 27.41
C GLY C 170 -2.18 -12.97 27.53
N TYR C 171 -2.73 -12.57 26.39
CA TYR C 171 -3.80 -11.58 26.33
C TYR C 171 -5.05 -12.02 27.11
N ALA C 172 -5.42 -13.30 26.98
CA ALA C 172 -6.64 -13.83 27.60
C ALA C 172 -6.56 -13.92 29.13
N GLY C 173 -5.36 -13.96 29.68
CA GLY C 173 -5.17 -13.95 31.13
C GLY C 173 -5.39 -15.29 31.81
N VAL C 174 -5.02 -16.37 31.12
CA VAL C 174 -5.15 -17.73 31.67
C VAL C 174 -3.85 -18.50 31.50
N GLU C 175 -3.68 -19.54 32.30
CA GLU C 175 -2.49 -20.38 32.23
C GLU C 175 -2.59 -21.40 31.10
N ASN C 176 -1.43 -21.86 30.66
CA ASN C 176 -1.32 -22.81 29.57
C ASN C 176 -0.82 -24.15 30.11
N GLU C 177 -1.66 -25.19 30.02
CA GLU C 177 -1.30 -26.53 30.47
C GLU C 177 0.02 -27.02 29.90
N LEU C 178 0.30 -26.64 28.65
CA LEU C 178 1.50 -27.08 27.95
C LEU C 178 2.79 -26.68 28.67
N PHE C 179 2.77 -25.56 29.40
CA PHE C 179 3.94 -25.09 30.15
C PHE C 179 4.52 -26.18 31.06
N PHE C 180 3.65 -26.83 31.83
CA PHE C 180 4.09 -27.89 32.76
C PHE C 180 3.79 -29.30 32.23
N ARG C 181 3.74 -29.43 30.89
CA ARG C 181 3.65 -30.73 30.25
C ARG C 181 5.04 -31.36 30.24
N ASN C 182 5.08 -32.70 30.26
CA ASN C 182 6.35 -33.44 30.28
C ASN C 182 7.24 -33.15 29.07
N ASN C 183 6.62 -33.03 27.90
CA ASN C 183 7.36 -32.88 26.64
C ASN C 183 7.55 -31.41 26.22
N THR C 184 7.40 -30.50 27.17
CA THR C 184 7.55 -29.07 26.93
C THR C 184 8.80 -28.55 27.64
N MET C 185 9.45 -27.56 27.01
CA MET C 185 10.64 -26.93 27.55
C MET C 185 10.48 -25.41 27.48
N MET C 186 10.56 -24.74 28.63
CA MET C 186 10.45 -23.27 28.69
C MET C 186 11.82 -22.62 28.52
N LEU C 187 11.88 -21.62 27.65
CA LEU C 187 13.09 -20.84 27.41
C LEU C 187 12.82 -19.42 27.92
N PHE C 188 13.14 -19.19 29.20
CA PHE C 188 12.77 -17.93 29.85
C PHE C 188 13.73 -16.79 29.52
N GLY C 189 13.24 -15.80 28.78
CA GLY C 189 14.02 -14.64 28.39
C GLY C 189 13.36 -13.88 27.25
N ASP C 190 14.03 -12.82 26.81
CA ASP C 190 13.57 -12.02 25.67
C ASP C 190 13.72 -12.85 24.40
N ALA C 191 12.76 -12.71 23.49
CA ALA C 191 12.67 -13.59 22.32
C ALA C 191 13.79 -13.35 21.31
N LYS C 192 14.22 -12.10 21.20
CA LYS C 192 15.30 -11.72 20.29
C LYS C 192 16.64 -12.22 20.86
N LYS C 193 16.84 -12.01 22.15
CA LYS C 193 18.09 -12.40 22.81
C LYS C 193 18.25 -13.92 22.87
N MET C 194 17.19 -14.63 23.26
CA MET C 194 17.19 -16.10 23.27
C MET C 194 17.52 -16.67 21.90
N THR C 195 16.78 -16.22 20.88
CA THR C 195 16.96 -16.74 19.53
C THR C 195 18.36 -16.43 19.01
N GLU C 196 18.84 -15.22 19.26
CA GLU C 196 20.22 -14.84 18.92
C GLU C 196 21.22 -15.80 19.56
N GLN C 197 21.03 -16.08 20.85
CA GLN C 197 21.89 -17.00 21.59
C GLN C 197 21.78 -18.45 21.11
N ILE C 198 20.57 -18.83 20.69
CA ILE C 198 20.32 -20.15 20.15
C ILE C 198 21.06 -20.35 18.81
N VAL C 199 21.11 -19.30 18.00
CA VAL C 199 21.86 -19.30 16.74
C VAL C 199 23.36 -19.50 16.99
N GLN C 200 23.86 -18.97 18.11
CA GLN C 200 25.28 -19.06 18.45
C GLN C 200 25.69 -20.48 18.80
N ALA C 201 24.88 -21.16 19.60
CA ALA C 201 25.11 -22.56 19.96
C ALA C 201 25.09 -23.49 18.73
N MET C 202 24.34 -23.09 17.71
CA MET C 202 24.35 -23.79 16.42
C MET C 202 25.52 -23.31 15.57
N ASN C 203 25.74 -24.02 14.46
CA ASN C 203 26.75 -23.64 13.47
C ASN C 203 26.18 -23.78 12.06
#